data_6F32
#
_entry.id   6F32
#
_cell.length_a   125.504
_cell.length_b   125.504
_cell.length_c   156.686
_cell.angle_alpha   90.000
_cell.angle_beta   90.000
_cell.angle_gamma   90.000
#
_symmetry.space_group_name_H-M   'P 41 21 2'
#
loop_
_entity.id
_entity.type
_entity.pdbx_description
1 polymer 'Amine oxidase LkcE'
2 non-polymer 'FLAVIN-ADENINE DINUCLEOTIDE'
3 non-polymer 'ACETATE ION'
4 non-polymer "(2~{R},3~{R})-2,3-bis(oxidanyl)-~{N},~{N}'-dipropyl-butanediamide"
5 non-polymer 'CALCIUM ION'
6 non-polymer GLYCEROL
7 non-polymer 'ethyl (2~{R})-2-methyl-3-oxidanylidene-butanoate'
8 water water
#
_entity_poly.entity_id   1
_entity_poly.type   'polypeptide(L)'
_entity_poly.pdbx_seq_one_letter_code
;GPGSMTVVEAKSRIAVVGGGGSGSVAAWLLARRHDVTLFEADEYLGGHAYSHPVETDQGTLHVDMGVEHFNEKLSPNLFR
LLTDFGIGTYVAPSSVHVDFPGEQQSWNNLDFLGELREELHEEFDRFHQEMNQLPTSGDDSYKQMSIGEYLDKHGYSKSF
KYKAMNPILSIYSGCHAPSLDYNLMYVALSFSMNLLSFFSAGYWRKAQGGIHSYLARIESDLGERVRLNTPVEAVVPTQS
GVTVLAGGQEHHFDQVVFATHADVTLRLLRTSDQQYRDLLGDFAYVPVESVLHQDESWLSPAGGGAYCQFRMPEGFELAR
AEEQMGSLTRNCNVLHPYRKVSSPILITFDPQEDVDPERVIVRREWKLPQLRPVDVRRKKRLHEIQGLNGLWFCGTDTSV
TGHEGAIVSGMVIADRLGVPHPFPDDAPAAAQFRGIKEFMGV
;
_entity_poly.pdbx_strand_id   A,B
#
# COMPACT_ATOMS: atom_id res chain seq x y z
N MET A 5 -14.10 -39.42 5.38
CA MET A 5 -12.79 -39.90 5.84
C MET A 5 -12.76 -40.21 7.33
N THR A 6 -13.07 -39.21 8.18
CA THR A 6 -13.04 -39.38 9.63
C THR A 6 -14.37 -38.97 10.26
N VAL A 7 -14.68 -39.57 11.41
CA VAL A 7 -15.89 -39.26 12.19
C VAL A 7 -15.45 -38.83 13.58
N VAL A 8 -15.93 -37.65 13.97
CA VAL A 8 -15.64 -37.01 15.25
C VAL A 8 -16.96 -36.55 15.87
N GLU A 9 -17.07 -36.65 17.20
CA GLU A 9 -18.30 -36.27 17.87
C GLU A 9 -18.12 -35.28 18.97
N ALA A 10 -19.26 -34.83 19.51
CA ALA A 10 -19.27 -33.77 20.51
C ALA A 10 -18.80 -34.28 21.87
N LYS A 11 -18.31 -33.36 22.74
CA LYS A 11 -17.80 -33.59 24.12
C LYS A 11 -16.69 -34.66 24.15
N SER A 12 -15.82 -34.61 23.15
CA SER A 12 -14.68 -35.53 23.12
C SER A 12 -13.63 -34.95 24.05
N ARG A 13 -12.75 -35.80 24.61
CA ARG A 13 -11.67 -35.33 25.45
C ARG A 13 -10.53 -34.97 24.46
N ILE A 14 -10.32 -33.67 24.19
CA ILE A 14 -9.32 -33.21 23.21
C ILE A 14 -8.21 -32.46 23.89
N ALA A 15 -6.96 -32.78 23.54
CA ALA A 15 -5.82 -32.05 24.07
C ALA A 15 -5.21 -31.16 23.00
N VAL A 16 -4.79 -29.97 23.40
CA VAL A 16 -4.10 -29.04 22.53
C VAL A 16 -2.70 -28.89 23.13
N VAL A 17 -1.69 -29.24 22.34
CA VAL A 17 -0.29 -29.22 22.76
C VAL A 17 0.39 -27.98 22.21
N GLY A 18 0.71 -27.04 23.10
CA GLY A 18 1.31 -25.77 22.73
C GLY A 18 0.34 -24.64 22.95
N GLY A 19 0.72 -23.71 23.83
CA GLY A 19 -0.08 -22.57 24.22
C GLY A 19 0.26 -21.25 23.54
N GLY A 20 0.82 -21.33 22.33
CA GLY A 20 1.09 -20.13 21.53
C GLY A 20 -0.21 -19.66 20.90
N GLY A 21 -0.16 -18.57 20.14
CA GLY A 21 -1.31 -17.99 19.44
C GLY A 21 -2.23 -19.02 18.81
N SER A 22 -1.66 -19.92 17.97
CA SER A 22 -2.37 -21.01 17.27
C SER A 22 -3.09 -21.99 18.20
N GLY A 23 -2.39 -22.46 19.23
CA GLY A 23 -2.91 -23.39 20.23
C GLY A 23 -4.01 -22.79 21.07
N SER A 24 -3.72 -21.60 21.65
CA SER A 24 -4.64 -20.82 22.47
C SER A 24 -5.96 -20.55 21.71
N VAL A 25 -5.88 -20.02 20.47
CA VAL A 25 -7.07 -19.76 19.63
C VAL A 25 -7.78 -21.09 19.28
N ALA A 26 -7.03 -22.19 19.02
CA ALA A 26 -7.62 -23.50 18.71
C ALA A 26 -8.38 -24.06 19.92
N ALA A 27 -7.74 -24.05 21.11
CA ALA A 27 -8.31 -24.51 22.39
C ALA A 27 -9.59 -23.74 22.67
N TRP A 28 -9.50 -22.40 22.67
CA TRP A 28 -10.58 -21.41 22.87
C TRP A 28 -11.81 -21.69 22.01
N LEU A 29 -11.60 -22.01 20.71
CA LEU A 29 -12.70 -22.34 19.79
C LEU A 29 -13.20 -23.74 20.06
N LEU A 30 -12.29 -24.71 20.32
CA LEU A 30 -12.65 -26.10 20.61
C LEU A 30 -13.47 -26.25 21.90
N ALA A 31 -13.07 -25.52 22.98
CA ALA A 31 -13.69 -25.48 24.32
C ALA A 31 -15.19 -25.29 24.29
N ARG A 32 -15.71 -24.67 23.21
CA ARG A 32 -17.15 -24.45 23.01
C ARG A 32 -17.88 -25.78 22.88
N ARG A 33 -17.30 -26.73 22.14
CA ARG A 33 -17.93 -28.01 21.83
C ARG A 33 -17.29 -29.25 22.48
N HIS A 34 -16.05 -29.21 22.91
CA HIS A 34 -15.45 -30.40 23.49
C HIS A 34 -14.83 -30.15 24.83
N ASP A 35 -14.54 -31.24 25.57
CA ASP A 35 -13.78 -31.15 26.83
C ASP A 35 -12.36 -30.92 26.34
N VAL A 36 -11.83 -29.72 26.61
CA VAL A 36 -10.54 -29.33 26.10
C VAL A 36 -9.53 -29.06 27.19
N THR A 37 -8.33 -29.61 27.03
CA THR A 37 -7.21 -29.38 27.94
C THR A 37 -6.10 -28.81 27.09
N LEU A 38 -5.49 -27.73 27.58
CA LEU A 38 -4.42 -27.04 26.89
C LEU A 38 -3.12 -27.15 27.65
N PHE A 39 -2.11 -27.79 27.02
CA PHE A 39 -0.81 -27.95 27.65
C PHE A 39 0.16 -26.93 27.11
N GLU A 40 0.82 -26.24 28.02
CA GLU A 40 1.80 -25.23 27.69
C GLU A 40 3.02 -25.40 28.57
N ALA A 41 4.19 -25.58 27.92
CA ALA A 41 5.49 -25.78 28.57
C ALA A 41 5.92 -24.61 29.45
N ASP A 42 5.75 -23.36 28.96
CA ASP A 42 6.14 -22.14 29.68
C ASP A 42 5.04 -21.60 30.63
N GLU A 43 5.41 -20.59 31.42
CA GLU A 43 4.61 -19.93 32.46
C GLU A 43 3.53 -18.94 31.95
N TYR A 44 3.26 -18.92 30.63
CA TYR A 44 2.29 -17.99 30.03
C TYR A 44 1.78 -18.49 28.68
N LEU A 45 0.72 -17.87 28.17
CA LEU A 45 0.14 -18.19 26.88
C LEU A 45 0.61 -17.14 25.85
N GLY A 46 0.93 -17.61 24.65
CA GLY A 46 1.38 -16.75 23.56
C GLY A 46 2.61 -17.19 22.79
N GLY A 47 3.62 -17.73 23.48
CA GLY A 47 4.87 -18.18 22.88
C GLY A 47 5.70 -17.03 22.36
N HIS A 48 5.70 -16.87 21.00
CA HIS A 48 6.41 -15.78 20.33
C HIS A 48 5.71 -14.44 20.64
N ALA A 49 4.39 -14.50 20.95
CA ALA A 49 3.56 -13.38 21.34
C ALA A 49 3.75 -13.13 22.83
N TYR A 50 4.76 -12.32 23.15
CA TYR A 50 5.15 -12.02 24.52
C TYR A 50 5.32 -10.52 24.74
N SER A 51 4.66 -10.01 25.80
CA SER A 51 4.74 -8.62 26.22
C SER A 51 5.29 -8.57 27.63
N HIS A 52 6.42 -7.90 27.78
CA HIS A 52 7.09 -7.81 29.07
C HIS A 52 6.79 -6.49 29.81
N PRO A 53 6.33 -6.55 31.09
CA PRO A 53 6.08 -5.32 31.85
C PRO A 53 7.37 -4.55 32.16
N VAL A 54 7.36 -3.27 31.85
CA VAL A 54 8.44 -2.32 32.08
C VAL A 54 7.83 -1.18 32.88
N GLU A 55 8.46 -0.80 33.98
CA GLU A 55 7.96 0.29 34.82
C GLU A 55 8.67 1.57 34.44
N THR A 56 7.89 2.58 34.05
CA THR A 56 8.41 3.88 33.64
C THR A 56 7.83 4.96 34.52
N ASP A 57 8.40 6.17 34.42
CA ASP A 57 7.95 7.35 35.14
C ASP A 57 6.49 7.67 34.81
N GLN A 58 6.12 7.59 33.52
CA GLN A 58 4.77 7.90 33.01
C GLN A 58 3.76 6.81 33.35
N GLY A 59 4.19 5.55 33.27
CA GLY A 59 3.36 4.40 33.62
C GLY A 59 4.06 3.06 33.56
N THR A 60 3.32 2.00 33.82
CA THR A 60 3.86 0.65 33.71
C THR A 60 3.40 0.13 32.33
N LEU A 61 4.35 -0.27 31.45
CA LEU A 61 4.08 -0.68 30.06
C LEU A 61 4.44 -2.09 29.70
N HIS A 62 3.58 -2.75 28.90
CA HIS A 62 3.81 -4.10 28.41
C HIS A 62 4.40 -4.00 27.02
N VAL A 63 5.70 -4.29 26.92
CA VAL A 63 6.48 -4.19 25.69
C VAL A 63 6.54 -5.52 24.94
N ASP A 64 6.08 -5.52 23.66
CA ASP A 64 6.12 -6.69 22.77
C ASP A 64 7.58 -6.94 22.36
N MET A 65 8.11 -8.10 22.77
CA MET A 65 9.49 -8.51 22.50
C MET A 65 9.58 -9.39 21.26
N GLY A 66 8.40 -9.83 20.85
CA GLY A 66 8.16 -10.61 19.67
C GLY A 66 6.70 -10.43 19.34
N VAL A 67 6.33 -10.68 18.08
CA VAL A 67 4.97 -10.60 17.54
C VAL A 67 4.30 -9.27 17.86
N GLU A 68 4.73 -8.20 17.21
CA GLU A 68 4.09 -6.94 17.49
C GLU A 68 3.35 -6.39 16.30
N HIS A 69 3.47 -7.01 15.11
CA HIS A 69 2.85 -6.41 13.94
C HIS A 69 1.76 -7.19 13.26
N PHE A 70 0.79 -6.44 12.79
CA PHE A 70 -0.40 -6.89 12.08
C PHE A 70 -1.09 -5.63 11.61
N ASN A 71 -2.12 -5.79 10.78
CA ASN A 71 -2.99 -4.72 10.33
C ASN A 71 -4.31 -5.37 9.96
N GLU A 72 -5.36 -4.56 9.79
CA GLU A 72 -6.74 -4.95 9.52
C GLU A 72 -6.93 -5.67 8.18
N LYS A 73 -6.09 -5.38 7.16
CA LYS A 73 -6.18 -6.03 5.84
C LYS A 73 -5.47 -7.39 5.84
N LEU A 74 -4.23 -7.41 6.35
CA LEU A 74 -3.35 -8.58 6.41
C LEU A 74 -3.79 -9.60 7.45
N SER A 75 -4.25 -9.12 8.62
CA SER A 75 -4.66 -9.97 9.72
C SER A 75 -6.15 -9.75 10.05
N PRO A 76 -7.13 -10.06 9.15
CA PRO A 76 -8.54 -9.82 9.47
C PRO A 76 -9.07 -10.56 10.70
N ASN A 77 -8.79 -11.89 10.83
CA ASN A 77 -9.22 -12.70 11.97
C ASN A 77 -8.67 -12.22 13.29
N LEU A 78 -7.36 -11.91 13.34
CA LEU A 78 -6.68 -11.39 14.53
C LEU A 78 -7.29 -10.05 14.94
N PHE A 79 -7.59 -9.20 13.96
CA PHE A 79 -8.16 -7.88 14.14
C PHE A 79 -9.56 -7.93 14.73
N ARG A 80 -10.47 -8.73 14.11
CA ARG A 80 -11.85 -8.93 14.55
C ARG A 80 -11.89 -9.50 15.96
N LEU A 81 -10.90 -10.37 16.28
CA LEU A 81 -10.72 -11.00 17.59
C LEU A 81 -10.38 -9.93 18.63
N LEU A 82 -9.37 -9.07 18.33
CA LEU A 82 -8.94 -7.96 19.18
C LEU A 82 -10.10 -7.00 19.39
N THR A 83 -10.88 -6.73 18.31
CA THR A 83 -12.04 -5.85 18.32
C THR A 83 -13.13 -6.42 19.24
N ASP A 84 -13.45 -7.73 19.09
CA ASP A 84 -14.45 -8.46 19.91
C ASP A 84 -14.07 -8.50 21.39
N PHE A 85 -12.78 -8.30 21.70
CA PHE A 85 -12.27 -8.31 23.06
C PHE A 85 -12.13 -6.88 23.60
N GLY A 86 -12.56 -5.90 22.81
CA GLY A 86 -12.46 -4.48 23.12
C GLY A 86 -11.03 -4.04 23.27
N ILE A 87 -10.13 -4.63 22.46
CA ILE A 87 -8.71 -4.29 22.47
C ILE A 87 -8.46 -3.30 21.34
N GLY A 88 -7.92 -2.15 21.73
CA GLY A 88 -7.58 -1.09 20.79
C GLY A 88 -6.32 -1.41 20.05
N THR A 89 -6.15 -0.80 18.87
CA THR A 89 -4.96 -0.95 18.06
C THR A 89 -4.45 0.46 17.75
N TYR A 90 -3.21 0.56 17.28
CA TYR A 90 -2.63 1.84 16.89
C TYR A 90 -1.59 1.63 15.81
N VAL A 91 -1.46 2.61 14.92
CA VAL A 91 -0.51 2.60 13.83
C VAL A 91 0.91 2.83 14.37
N ALA A 92 1.81 1.90 14.07
CA ALA A 92 3.23 1.91 14.40
C ALA A 92 3.90 1.69 13.03
N PRO A 93 4.21 2.76 12.28
CA PRO A 93 4.75 2.57 10.92
C PRO A 93 6.17 2.01 10.90
N SER A 94 6.44 1.10 9.94
CA SER A 94 7.74 0.47 9.79
C SER A 94 8.78 1.39 9.16
N SER A 95 9.26 2.37 9.93
CA SER A 95 10.34 3.23 9.46
C SER A 95 11.63 2.43 9.71
N VAL A 96 12.56 2.47 8.73
CA VAL A 96 13.81 1.71 8.77
C VAL A 96 14.99 2.63 8.52
N HIS A 97 16.06 2.44 9.31
CA HIS A 97 17.34 3.13 9.15
C HIS A 97 18.42 2.05 9.15
N VAL A 98 19.26 2.05 8.12
CA VAL A 98 20.33 1.06 7.97
C VAL A 98 21.67 1.79 8.05
N ASP A 99 22.59 1.27 8.88
CA ASP A 99 23.90 1.86 9.08
C ASP A 99 25.03 0.91 8.77
N PHE A 100 26.02 1.42 8.02
CA PHE A 100 27.20 0.67 7.68
C PHE A 100 28.48 1.37 8.19
N PRO A 101 29.60 0.61 8.29
CA PRO A 101 30.84 1.14 8.88
C PRO A 101 31.44 2.44 8.34
N GLY A 102 31.39 2.66 7.03
CA GLY A 102 31.95 3.87 6.44
C GLY A 102 31.26 5.15 6.86
N GLU A 103 31.93 6.29 6.63
CA GLU A 103 31.39 7.64 6.91
C GLU A 103 30.14 7.90 6.07
N GLN A 104 29.00 8.15 6.77
CA GLN A 104 27.67 8.41 6.21
C GLN A 104 27.16 7.28 5.30
N GLN A 105 27.54 6.03 5.62
CA GLN A 105 27.15 4.87 4.85
C GLN A 105 25.82 4.38 5.38
N SER A 106 24.77 5.15 5.08
CA SER A 106 23.44 4.82 5.56
C SER A 106 22.37 5.08 4.53
N TRP A 107 21.18 4.54 4.79
CA TRP A 107 19.99 4.74 3.99
C TRP A 107 18.80 4.53 4.90
N ASN A 108 17.71 5.23 4.63
CA ASN A 108 16.50 5.10 5.42
C ASN A 108 15.26 5.21 4.52
N ASN A 109 14.11 4.70 4.92
CA ASN A 109 12.91 4.83 4.08
C ASN A 109 12.16 6.15 4.31
N LEU A 110 12.56 6.97 5.31
CA LEU A 110 11.90 8.25 5.53
C LEU A 110 12.32 9.34 4.55
N ASP A 111 13.61 9.39 4.20
CA ASP A 111 14.15 10.39 3.29
C ASP A 111 15.26 9.82 2.38
N PHE A 112 15.91 10.70 1.60
CA PHE A 112 16.94 10.33 0.64
C PHE A 112 18.38 10.60 1.09
N LEU A 113 18.58 10.76 2.39
CA LEU A 113 19.92 10.99 2.90
C LEU A 113 20.76 9.73 3.01
N GLY A 114 22.06 9.94 2.97
CA GLY A 114 23.06 8.89 3.13
C GLY A 114 23.76 8.52 1.85
N GLU A 115 25.04 8.14 1.96
CA GLU A 115 25.89 7.72 0.85
C GLU A 115 25.39 6.40 0.24
N LEU A 116 24.83 5.52 1.09
CA LEU A 116 24.26 4.25 0.63
C LEU A 116 23.03 4.48 -0.22
N ARG A 117 22.22 5.50 0.17
CA ARG A 117 21.06 5.89 -0.60
C ARG A 117 21.52 6.36 -1.98
N GLU A 118 22.50 7.28 -2.06
CA GLU A 118 23.07 7.79 -3.30
C GLU A 118 23.51 6.66 -4.23
N GLU A 119 24.29 5.70 -3.68
CA GLU A 119 24.82 4.53 -4.38
C GLU A 119 23.73 3.58 -4.90
N LEU A 120 22.69 3.34 -4.08
CA LEU A 120 21.65 2.35 -4.39
C LEU A 120 20.26 2.85 -4.84
N HIS A 121 19.97 4.19 -4.81
CA HIS A 121 18.66 4.77 -5.14
C HIS A 121 17.97 4.18 -6.37
N GLU A 122 18.70 4.08 -7.51
CA GLU A 122 18.16 3.56 -8.77
C GLU A 122 17.70 2.11 -8.66
N GLU A 123 18.43 1.31 -7.84
CA GLU A 123 18.10 -0.10 -7.60
C GLU A 123 16.86 -0.26 -6.72
N PHE A 124 16.71 0.60 -5.69
CA PHE A 124 15.56 0.64 -4.80
C PHE A 124 14.33 0.87 -5.66
N ASP A 125 14.42 1.90 -6.52
CA ASP A 125 13.41 2.34 -7.47
C ASP A 125 12.96 1.22 -8.42
N ARG A 126 13.91 0.53 -9.10
CA ARG A 126 13.58 -0.56 -10.03
C ARG A 126 12.96 -1.75 -9.29
N PHE A 127 13.46 -2.03 -8.06
CA PHE A 127 12.98 -3.12 -7.24
C PHE A 127 11.48 -3.03 -6.97
N HIS A 128 11.01 -1.87 -6.43
CA HIS A 128 9.59 -1.58 -6.17
C HIS A 128 8.74 -1.83 -7.39
N GLN A 129 9.16 -1.32 -8.57
CA GLN A 129 8.47 -1.53 -9.83
C GLN A 129 8.33 -3.02 -10.11
N GLU A 130 9.47 -3.72 -10.23
CA GLU A 130 9.55 -5.16 -10.51
C GLU A 130 8.70 -6.00 -9.55
N MET A 131 8.73 -5.67 -8.24
CA MET A 131 7.95 -6.36 -7.20
C MET A 131 6.46 -6.13 -7.34
N ASN A 132 6.05 -4.91 -7.72
CA ASN A 132 4.64 -4.58 -7.92
C ASN A 132 4.10 -5.26 -9.17
N GLN A 133 4.93 -5.40 -10.21
CA GLN A 133 4.56 -6.02 -11.48
C GLN A 133 4.55 -7.55 -11.46
N LEU A 134 5.30 -8.18 -10.52
CA LEU A 134 5.39 -9.64 -10.39
C LEU A 134 4.07 -10.41 -10.13
N PRO A 135 3.32 -10.18 -9.00
CA PRO A 135 2.13 -11.02 -8.74
C PRO A 135 1.09 -11.15 -9.85
N THR A 136 0.89 -10.06 -10.62
CA THR A 136 -0.08 -9.93 -11.71
C THR A 136 0.18 -10.90 -12.88
N SER A 137 1.45 -11.27 -13.11
CA SER A 137 1.84 -12.22 -14.16
C SER A 137 1.81 -13.66 -13.68
N TYR A 142 9.84 -18.82 -11.74
CA TYR A 142 8.40 -18.80 -11.50
C TYR A 142 8.11 -18.54 -10.01
N LYS A 143 7.15 -19.28 -9.42
CA LYS A 143 6.74 -19.18 -8.03
C LYS A 143 7.85 -19.69 -7.09
N GLN A 144 8.51 -20.80 -7.50
CA GLN A 144 9.51 -21.53 -6.74
C GLN A 144 10.93 -20.97 -6.85
N MET A 145 11.09 -19.68 -6.54
CA MET A 145 12.43 -19.18 -6.63
C MET A 145 12.72 -18.28 -5.46
N SER A 146 13.96 -18.30 -5.02
CA SER A 146 14.36 -17.49 -3.89
C SER A 146 14.56 -16.05 -4.33
N ILE A 147 14.53 -15.11 -3.34
CA ILE A 147 14.76 -13.68 -3.59
C ILE A 147 16.18 -13.47 -4.15
N GLY A 148 17.17 -14.15 -3.53
CA GLY A 148 18.58 -14.13 -3.92
C GLY A 148 18.75 -14.48 -5.39
N GLU A 149 18.15 -15.62 -5.81
CA GLU A 149 18.16 -16.07 -7.20
C GLU A 149 17.62 -14.97 -8.10
N TYR A 150 16.41 -14.44 -7.76
CA TYR A 150 15.76 -13.35 -8.49
C TYR A 150 16.70 -12.17 -8.67
N LEU A 151 17.27 -11.67 -7.55
CA LEU A 151 18.18 -10.53 -7.56
C LEU A 151 19.39 -10.75 -8.46
N ASP A 152 19.94 -11.97 -8.45
CA ASP A 152 21.08 -12.36 -9.29
C ASP A 152 20.71 -12.34 -10.77
N LYS A 153 19.62 -13.07 -11.13
CA LYS A 153 19.09 -13.14 -12.49
C LYS A 153 18.68 -11.78 -13.07
N HIS A 154 18.23 -10.83 -12.22
CA HIS A 154 17.81 -9.51 -12.69
C HIS A 154 18.87 -8.41 -12.46
N GLY A 155 20.14 -8.80 -12.53
CA GLY A 155 21.31 -7.93 -12.46
C GLY A 155 21.44 -6.93 -11.34
N TYR A 156 20.92 -7.25 -10.14
CA TYR A 156 21.05 -6.36 -9.00
C TYR A 156 22.43 -6.54 -8.43
N SER A 157 23.04 -5.45 -7.95
CA SER A 157 24.39 -5.47 -7.39
C SER A 157 24.44 -6.30 -6.10
N LYS A 158 25.64 -6.80 -5.75
CA LYS A 158 25.90 -7.56 -4.52
C LYS A 158 25.68 -6.58 -3.36
N SER A 159 26.07 -5.29 -3.55
CA SER A 159 25.89 -4.22 -2.58
C SER A 159 24.40 -4.06 -2.25
N PHE A 160 23.50 -4.12 -3.26
CA PHE A 160 22.06 -4.06 -3.05
C PHE A 160 21.59 -5.22 -2.17
N LYS A 161 21.98 -6.46 -2.53
CA LYS A 161 21.63 -7.71 -1.83
C LYS A 161 21.96 -7.69 -0.36
N TYR A 162 23.17 -7.21 0.01
CA TYR A 162 23.64 -7.27 1.37
C TYR A 162 23.56 -5.97 2.17
N LYS A 163 23.51 -4.81 1.51
CA LYS A 163 23.41 -3.51 2.23
C LYS A 163 21.98 -2.97 2.30
N ALA A 164 21.05 -3.54 1.49
CA ALA A 164 19.67 -3.08 1.45
C ALA A 164 18.64 -4.18 1.64
N MET A 165 18.64 -5.21 0.76
CA MET A 165 17.67 -6.31 0.80
C MET A 165 17.77 -7.15 2.08
N ASN A 166 18.95 -7.71 2.38
CA ASN A 166 19.15 -8.52 3.58
C ASN A 166 18.81 -7.75 4.86
N PRO A 167 19.29 -6.48 5.08
CA PRO A 167 18.88 -5.73 6.28
C PRO A 167 17.38 -5.47 6.39
N ILE A 168 16.69 -5.06 5.29
CA ILE A 168 15.25 -4.79 5.38
C ILE A 168 14.43 -6.05 5.69
N LEU A 169 14.87 -7.22 5.17
CA LEU A 169 14.21 -8.51 5.41
C LEU A 169 14.46 -9.00 6.83
N SER A 170 15.53 -8.46 7.49
CA SER A 170 15.92 -8.77 8.86
C SER A 170 14.83 -8.36 9.86
N ILE A 171 13.93 -7.41 9.45
CA ILE A 171 12.82 -6.89 10.26
C ILE A 171 11.96 -8.04 10.78
N TYR A 172 11.59 -8.99 9.90
CA TYR A 172 10.80 -10.08 10.42
C TYR A 172 11.36 -11.50 10.08
N SER A 173 12.61 -11.63 9.65
CA SER A 173 13.24 -12.95 9.49
C SER A 173 14.29 -13.15 10.60
N GLY A 174 14.81 -12.02 11.12
CA GLY A 174 15.86 -12.01 12.12
C GLY A 174 17.19 -11.91 11.39
N CYS A 175 18.13 -11.18 11.98
CA CYS A 175 19.46 -10.93 11.43
C CYS A 175 20.22 -12.20 11.01
N HIS A 176 20.12 -13.29 11.79
CA HIS A 176 20.79 -14.56 11.49
C HIS A 176 20.28 -15.29 10.26
N ALA A 177 19.03 -15.04 9.86
CA ALA A 177 18.37 -15.74 8.76
C ALA A 177 19.06 -15.71 7.41
N PRO A 178 18.99 -16.87 6.68
CA PRO A 178 19.45 -16.90 5.30
C PRO A 178 18.29 -16.33 4.48
N SER A 179 17.86 -15.09 4.80
CA SER A 179 16.72 -14.38 4.20
C SER A 179 16.75 -14.43 2.68
N LEU A 180 17.94 -14.30 2.08
CA LEU A 180 18.14 -14.33 0.63
C LEU A 180 17.76 -15.65 -0.02
N ASP A 181 17.57 -16.71 0.79
CA ASP A 181 17.13 -18.01 0.29
C ASP A 181 15.62 -18.17 0.35
N TYR A 182 14.93 -17.20 0.99
CA TYR A 182 13.47 -17.21 1.14
C TYR A 182 12.80 -16.95 -0.18
N ASN A 183 11.62 -17.56 -0.38
CA ASN A 183 10.83 -17.47 -1.59
C ASN A 183 10.51 -16.04 -1.99
N LEU A 184 10.45 -15.84 -3.31
CA LEU A 184 10.24 -14.56 -3.93
C LEU A 184 8.90 -13.92 -3.62
N MET A 185 7.77 -14.67 -3.76
CA MET A 185 6.43 -14.15 -3.52
C MET A 185 6.26 -13.54 -2.14
N TYR A 186 6.88 -14.12 -1.10
CA TYR A 186 6.86 -13.57 0.25
C TYR A 186 7.45 -12.15 0.26
N VAL A 187 8.60 -11.93 -0.42
CA VAL A 187 9.27 -10.64 -0.54
C VAL A 187 8.43 -9.71 -1.45
N ALA A 188 8.00 -10.22 -2.63
CA ALA A 188 7.18 -9.50 -3.61
C ALA A 188 5.95 -8.91 -2.94
N LEU A 189 5.18 -9.74 -2.20
CA LEU A 189 3.96 -9.33 -1.49
C LEU A 189 4.22 -8.40 -0.30
N SER A 190 5.36 -8.56 0.40
CA SER A 190 5.73 -7.66 1.49
C SER A 190 5.88 -6.23 0.95
N PHE A 191 6.40 -6.10 -0.28
CA PHE A 191 6.59 -4.82 -0.96
C PHE A 191 5.31 -4.34 -1.62
N SER A 192 4.66 -5.23 -2.39
CA SER A 192 3.40 -5.04 -3.10
C SER A 192 2.30 -4.50 -2.17
N MET A 193 2.28 -4.97 -0.91
CA MET A 193 1.29 -4.59 0.11
C MET A 193 1.83 -3.57 1.12
N ASN A 194 2.82 -2.74 0.73
CA ASN A 194 3.38 -1.68 1.58
C ASN A 194 3.73 -2.13 3.03
N LEU A 195 4.24 -3.35 3.20
CA LEU A 195 4.64 -3.83 4.53
C LEU A 195 6.10 -3.42 4.70
N LEU A 196 6.85 -3.57 3.60
CA LEU A 196 8.24 -3.18 3.49
C LEU A 196 8.39 -2.28 2.29
N SER A 197 9.16 -1.22 2.47
CA SER A 197 9.43 -0.26 1.40
C SER A 197 10.74 0.45 1.63
N PHE A 198 11.32 0.97 0.54
CA PHE A 198 12.55 1.75 0.60
C PHE A 198 12.23 3.22 0.53
N PHE A 199 10.97 3.57 0.21
CA PHE A 199 10.58 4.96 0.02
C PHE A 199 9.64 5.52 1.08
N SER A 200 8.92 4.63 1.79
CA SER A 200 7.97 5.03 2.81
C SER A 200 7.90 4.01 3.94
N ALA A 201 7.47 4.46 5.11
CA ALA A 201 7.25 3.59 6.25
C ALA A 201 6.04 2.72 5.92
N GLY A 202 6.15 1.44 6.23
CA GLY A 202 5.10 0.46 5.97
C GLY A 202 3.91 0.67 6.87
N TYR A 203 2.73 0.27 6.41
CA TYR A 203 1.52 0.43 7.21
C TYR A 203 1.37 -0.73 8.16
N TRP A 204 1.65 -0.49 9.44
CA TRP A 204 1.56 -1.51 10.48
C TRP A 204 0.80 -1.02 11.70
N ARG A 205 0.19 -1.98 12.43
CA ARG A 205 -0.52 -1.72 13.67
C ARG A 205 0.04 -2.59 14.80
N LYS A 206 -0.13 -2.09 16.02
CA LYS A 206 0.26 -2.74 17.27
C LYS A 206 -0.97 -2.79 18.16
N ALA A 207 -1.03 -3.76 19.11
CA ALA A 207 -2.18 -3.86 20.01
C ALA A 207 -1.96 -3.07 21.29
N GLN A 208 -3.00 -2.34 21.74
CA GLN A 208 -3.02 -1.51 22.95
C GLN A 208 -2.72 -2.36 24.18
N GLY A 209 -1.69 -1.98 24.90
CA GLY A 209 -1.22 -2.67 26.09
C GLY A 209 -0.53 -3.99 25.81
N GLY A 210 0.10 -4.08 24.63
CA GLY A 210 0.81 -5.26 24.18
C GLY A 210 -0.05 -6.31 23.52
N ILE A 211 0.59 -7.21 22.76
CA ILE A 211 -0.01 -8.34 22.05
C ILE A 211 -0.59 -9.37 23.05
N HIS A 212 -0.02 -9.43 24.28
CA HIS A 212 -0.44 -10.33 25.36
C HIS A 212 -1.91 -10.19 25.72
N SER A 213 -2.44 -8.94 25.68
CA SER A 213 -3.81 -8.55 26.00
C SER A 213 -4.88 -9.53 25.47
N TYR A 214 -4.74 -9.99 24.21
CA TYR A 214 -5.71 -10.91 23.60
C TYR A 214 -5.58 -12.31 24.16
N LEU A 215 -4.36 -12.70 24.53
CA LEU A 215 -4.05 -14.01 25.08
C LEU A 215 -4.49 -14.11 26.51
N ALA A 216 -4.29 -13.02 27.31
CA ALA A 216 -4.73 -12.93 28.71
C ALA A 216 -6.23 -13.19 28.78
N ARG A 217 -6.99 -12.58 27.84
CA ARG A 217 -8.43 -12.77 27.72
C ARG A 217 -8.77 -14.24 27.43
N ILE A 218 -8.07 -14.85 26.47
CA ILE A 218 -8.30 -16.27 26.13
C ILE A 218 -8.05 -17.17 27.33
N GLU A 219 -6.95 -16.91 28.06
CA GLU A 219 -6.55 -17.65 29.27
C GLU A 219 -7.68 -17.60 30.30
N SER A 220 -8.29 -16.41 30.50
CA SER A 220 -9.43 -16.19 31.39
C SER A 220 -10.64 -17.02 30.95
N ASP A 221 -10.99 -16.99 29.64
CA ASP A 221 -12.11 -17.73 29.06
C ASP A 221 -11.96 -19.24 29.22
N LEU A 222 -10.72 -19.74 29.09
CA LEU A 222 -10.37 -21.14 29.23
C LEU A 222 -10.33 -21.55 30.69
N GLY A 223 -9.88 -20.62 31.54
CA GLY A 223 -9.76 -20.80 32.97
C GLY A 223 -8.88 -21.97 33.38
N GLU A 224 -9.48 -22.97 34.06
CA GLU A 224 -8.81 -24.18 34.55
C GLU A 224 -8.22 -25.07 33.46
N ARG A 225 -8.91 -25.22 32.30
CA ARG A 225 -8.51 -26.07 31.14
C ARG A 225 -7.04 -25.87 30.72
N VAL A 226 -6.52 -24.67 31.02
CA VAL A 226 -5.15 -24.25 30.75
C VAL A 226 -4.20 -24.83 31.81
N ARG A 227 -3.26 -25.66 31.36
CA ARG A 227 -2.26 -26.23 32.24
C ARG A 227 -0.91 -25.62 31.87
N LEU A 228 -0.55 -24.54 32.59
CA LEU A 228 0.71 -23.83 32.44
C LEU A 228 1.81 -24.66 33.07
N ASN A 229 3.07 -24.42 32.65
CA ASN A 229 4.28 -25.12 33.15
C ASN A 229 4.13 -26.65 33.08
N THR A 230 3.37 -27.13 32.06
CA THR A 230 3.10 -28.55 31.88
C THR A 230 3.63 -28.99 30.51
N PRO A 231 4.97 -29.09 30.32
CA PRO A 231 5.48 -29.56 29.03
C PRO A 231 5.04 -31.00 28.81
N VAL A 232 4.51 -31.28 27.61
CA VAL A 232 4.12 -32.63 27.24
C VAL A 232 5.41 -33.34 26.88
N GLU A 233 5.59 -34.56 27.40
CA GLU A 233 6.80 -35.30 27.10
C GLU A 233 6.57 -36.30 25.98
N ALA A 234 5.35 -36.85 25.85
CA ALA A 234 5.04 -37.83 24.82
C ALA A 234 3.56 -37.89 24.47
N VAL A 235 3.30 -38.21 23.19
CA VAL A 235 1.96 -38.35 22.65
C VAL A 235 1.90 -39.74 22.01
N VAL A 236 1.02 -40.59 22.56
CA VAL A 236 0.92 -41.97 22.13
C VAL A 236 -0.48 -42.35 21.64
N PRO A 237 -0.72 -42.43 20.30
CA PRO A 237 -2.02 -42.94 19.84
C PRO A 237 -2.09 -44.43 20.19
N THR A 238 -3.30 -44.92 20.46
CA THR A 238 -3.58 -46.31 20.81
C THR A 238 -4.77 -46.77 19.96
N GLN A 239 -5.41 -47.90 20.31
CA GLN A 239 -6.58 -48.38 19.60
C GLN A 239 -7.84 -47.67 20.12
N SER A 240 -7.88 -47.43 21.44
CA SER A 240 -8.97 -46.75 22.12
C SER A 240 -9.00 -45.24 21.87
N GLY A 241 -7.82 -44.63 21.76
CA GLY A 241 -7.70 -43.20 21.58
C GLY A 241 -6.30 -42.71 21.42
N VAL A 242 -5.92 -41.63 22.12
CA VAL A 242 -4.57 -41.06 22.24
C VAL A 242 -4.28 -40.81 23.73
N THR A 243 -3.07 -41.18 24.18
CA THR A 243 -2.57 -40.99 25.54
C THR A 243 -1.53 -39.88 25.53
N VAL A 244 -1.63 -38.93 26.49
CA VAL A 244 -0.69 -37.82 26.63
C VAL A 244 0.02 -37.93 27.98
N LEU A 245 1.36 -37.89 27.95
CA LEU A 245 2.18 -37.95 29.16
C LEU A 245 2.73 -36.55 29.41
N ALA A 246 2.29 -35.92 30.50
CA ALA A 246 2.76 -34.58 30.86
C ALA A 246 2.76 -34.41 32.38
N GLY A 247 3.82 -33.78 32.88
CA GLY A 247 4.01 -33.50 34.30
C GLY A 247 3.87 -34.69 35.23
N GLY A 248 4.48 -35.81 34.84
CA GLY A 248 4.50 -37.08 35.58
C GLY A 248 3.13 -37.71 35.79
N GLN A 249 2.26 -37.57 34.80
CA GLN A 249 0.92 -38.13 34.85
C GLN A 249 0.50 -38.51 33.44
N GLU A 250 -0.47 -39.43 33.34
CA GLU A 250 -0.98 -39.92 32.06
C GLU A 250 -2.42 -39.51 31.92
N HIS A 251 -2.70 -38.83 30.82
CA HIS A 251 -4.02 -38.32 30.49
C HIS A 251 -4.50 -39.03 29.23
N HIS A 252 -5.79 -39.31 29.17
CA HIS A 252 -6.41 -40.01 28.03
C HIS A 252 -7.27 -39.04 27.25
N PHE A 253 -7.13 -39.03 25.93
CA PHE A 253 -7.90 -38.15 25.08
C PHE A 253 -8.39 -38.88 23.83
N ASP A 254 -9.55 -38.43 23.32
CA ASP A 254 -10.15 -38.92 22.09
C ASP A 254 -9.31 -38.47 20.90
N GLN A 255 -8.91 -37.18 20.86
CA GLN A 255 -8.12 -36.58 19.78
C GLN A 255 -7.02 -35.68 20.36
N VAL A 256 -5.96 -35.43 19.56
CA VAL A 256 -4.87 -34.51 19.96
C VAL A 256 -4.57 -33.53 18.84
N VAL A 257 -4.45 -32.25 19.20
CA VAL A 257 -4.10 -31.17 18.30
C VAL A 257 -2.74 -30.60 18.70
N PHE A 258 -1.76 -30.73 17.80
CA PHE A 258 -0.41 -30.21 17.97
C PHE A 258 -0.39 -28.79 17.46
N ALA A 259 -0.03 -27.86 18.34
CA ALA A 259 0.06 -26.43 18.02
C ALA A 259 1.50 -25.98 18.28
N THR A 260 2.41 -26.94 18.16
CA THR A 260 3.81 -26.72 18.39
C THR A 260 4.63 -26.93 17.11
N HIS A 261 5.91 -26.50 17.14
CA HIS A 261 6.84 -26.61 16.04
C HIS A 261 7.01 -28.07 15.65
N ALA A 262 7.16 -28.35 14.34
CA ALA A 262 7.34 -29.71 13.82
C ALA A 262 8.47 -30.49 14.49
N ASP A 263 9.62 -29.84 14.78
CA ASP A 263 10.69 -30.54 15.46
C ASP A 263 10.21 -31.00 16.86
N VAL A 264 9.46 -30.12 17.60
CA VAL A 264 8.87 -30.42 18.91
C VAL A 264 7.80 -31.52 18.73
N THR A 265 6.87 -31.35 17.76
CA THR A 265 5.81 -32.31 17.42
C THR A 265 6.42 -33.70 17.27
N LEU A 266 7.46 -33.85 16.43
CA LEU A 266 8.17 -35.10 16.17
C LEU A 266 8.85 -35.70 17.42
N ARG A 267 9.46 -34.84 18.27
CA ARG A 267 10.11 -35.28 19.51
C ARG A 267 9.09 -35.87 20.48
N LEU A 268 7.93 -35.22 20.59
CA LEU A 268 6.87 -35.67 21.46
C LEU A 268 6.20 -36.88 20.89
N LEU A 269 5.86 -36.82 19.59
CA LEU A 269 5.22 -37.90 18.87
C LEU A 269 6.04 -39.17 18.89
N ARG A 270 5.40 -40.26 19.25
CA ARG A 270 6.04 -41.55 19.28
C ARG A 270 5.07 -42.58 18.74
N THR A 271 5.40 -43.06 17.55
CA THR A 271 4.67 -44.05 16.77
C THR A 271 5.68 -44.95 16.02
N SER A 272 5.24 -46.13 15.58
CA SER A 272 6.12 -47.00 14.80
C SER A 272 5.80 -46.76 13.32
N ASP A 273 5.78 -45.47 12.93
CA ASP A 273 5.52 -45.02 11.56
C ASP A 273 6.60 -44.03 11.20
N GLN A 274 7.24 -44.28 10.05
CA GLN A 274 8.35 -43.46 9.58
C GLN A 274 7.95 -42.42 8.54
N GLN A 275 6.63 -42.29 8.29
CA GLN A 275 6.06 -41.28 7.42
C GLN A 275 6.14 -39.98 8.20
N TYR A 276 5.88 -40.06 9.53
CA TYR A 276 5.96 -38.95 10.47
C TYR A 276 7.35 -38.35 10.49
N ARG A 277 8.39 -39.17 10.47
CA ARG A 277 9.74 -38.66 10.39
C ARG A 277 9.95 -38.01 9.03
N ASP A 278 9.43 -38.63 7.99
CA ASP A 278 9.63 -38.07 6.67
C ASP A 278 8.98 -36.70 6.60
N LEU A 279 7.75 -36.61 7.08
CA LEU A 279 7.00 -35.37 7.08
C LEU A 279 7.45 -34.24 7.99
N LEU A 280 7.82 -34.58 9.22
CA LEU A 280 8.24 -33.57 10.19
C LEU A 280 9.71 -33.40 10.39
N GLY A 281 10.50 -34.20 9.71
CA GLY A 281 11.94 -34.11 9.78
C GLY A 281 12.44 -33.04 8.85
N ASP A 282 13.64 -32.57 9.10
CA ASP A 282 14.22 -31.52 8.21
C ASP A 282 13.48 -30.16 8.23
N PHE A 283 12.71 -29.78 9.30
CA PHE A 283 12.08 -28.46 9.24
C PHE A 283 13.17 -27.51 9.63
N ALA A 284 13.39 -26.50 8.78
CA ALA A 284 14.46 -25.53 9.02
C ALA A 284 14.02 -24.38 9.91
N TYR A 285 14.87 -24.04 10.89
CA TYR A 285 14.63 -22.94 11.82
C TYR A 285 15.81 -22.00 11.89
N VAL A 286 15.54 -20.79 12.36
CA VAL A 286 16.48 -19.70 12.53
C VAL A 286 16.40 -19.27 13.99
N PRO A 287 17.51 -19.22 14.74
CA PRO A 287 17.43 -18.76 16.12
C PRO A 287 17.38 -17.23 16.23
N VAL A 288 16.64 -16.72 17.21
CA VAL A 288 16.50 -15.29 17.49
C VAL A 288 16.68 -15.06 18.98
N GLU A 289 17.49 -14.07 19.32
CA GLU A 289 17.69 -13.64 20.70
C GLU A 289 17.16 -12.22 20.77
N SER A 290 16.05 -12.01 21.50
CA SER A 290 15.43 -10.71 21.70
C SER A 290 15.92 -10.11 23.03
N VAL A 291 16.59 -8.95 22.98
CA VAL A 291 17.15 -8.28 24.15
C VAL A 291 16.42 -6.97 24.42
N LEU A 292 15.60 -6.97 25.49
CA LEU A 292 14.89 -5.78 25.96
C LEU A 292 15.85 -5.09 26.90
N HIS A 293 16.25 -3.86 26.54
CA HIS A 293 17.25 -3.12 27.31
C HIS A 293 17.03 -1.61 27.24
N GLN A 294 17.81 -0.88 28.05
CA GLN A 294 17.75 0.57 28.11
C GLN A 294 19.09 1.21 27.73
N ASP A 295 20.00 0.46 27.09
CA ASP A 295 21.28 1.03 26.68
C ASP A 295 21.09 1.88 25.40
N GLU A 296 20.98 3.20 25.60
CA GLU A 296 20.82 4.26 24.58
C GLU A 296 21.96 4.31 23.54
N SER A 297 23.15 3.71 23.85
CA SER A 297 24.31 3.69 22.92
C SER A 297 24.01 2.94 21.61
N TRP A 298 23.03 2.02 21.65
CA TRP A 298 22.60 1.21 20.51
C TRP A 298 21.84 1.99 19.43
N LEU A 299 21.35 3.19 19.76
CA LEU A 299 20.66 4.03 18.79
C LEU A 299 21.66 4.61 17.83
N SER A 300 21.26 4.70 16.56
CA SER A 300 22.09 5.27 15.52
C SER A 300 22.11 6.80 15.67
N PRO A 301 23.33 7.42 15.66
CA PRO A 301 23.42 8.88 15.77
C PRO A 301 22.60 9.61 14.71
N ALA A 302 22.73 9.19 13.44
CA ALA A 302 22.01 9.70 12.29
C ALA A 302 20.61 9.08 12.19
N GLY A 303 20.45 7.92 12.81
CA GLY A 303 19.26 7.07 12.81
C GLY A 303 17.99 7.57 13.47
N GLY A 304 18.04 7.76 14.78
CA GLY A 304 16.94 8.22 15.65
C GLY A 304 15.75 8.86 14.96
N GLY A 305 14.57 8.32 15.23
CA GLY A 305 13.33 8.75 14.59
C GLY A 305 12.75 7.55 13.86
N ALA A 306 13.67 6.70 13.35
CA ALA A 306 13.32 5.46 12.70
C ALA A 306 13.03 4.46 13.78
N TYR A 307 12.00 3.66 13.54
CA TYR A 307 11.56 2.64 14.45
C TYR A 307 12.53 1.44 14.47
N CYS A 308 12.81 0.89 13.28
CA CYS A 308 13.69 -0.25 13.06
C CYS A 308 15.07 0.25 12.66
N GLN A 309 16.07 0.03 13.51
CA GLN A 309 17.44 0.47 13.28
C GLN A 309 18.40 -0.69 13.10
N PHE A 310 18.90 -0.84 11.88
CA PHE A 310 19.84 -1.88 11.54
C PHE A 310 21.25 -1.33 11.55
N ARG A 311 22.14 -2.10 12.16
CA ARG A 311 23.54 -1.74 12.24
C ARG A 311 24.42 -2.87 11.80
N MET A 312 25.33 -2.54 10.88
CA MET A 312 26.36 -3.45 10.43
C MET A 312 27.67 -3.04 11.13
N PRO A 313 28.28 -3.95 11.91
CA PRO A 313 29.51 -3.59 12.63
C PRO A 313 30.72 -3.42 11.72
N GLU A 314 31.84 -2.93 12.30
CA GLU A 314 33.12 -2.72 11.63
C GLU A 314 33.62 -4.01 10.98
N GLY A 315 34.41 -3.85 9.92
CA GLY A 315 35.03 -4.92 9.15
C GLY A 315 34.02 -5.82 8.47
N PHE A 316 33.09 -5.19 7.76
CA PHE A 316 32.00 -5.87 7.06
C PHE A 316 32.49 -6.80 5.97
N GLU A 317 33.29 -6.31 5.00
CA GLU A 317 33.83 -7.12 3.90
C GLU A 317 32.75 -7.75 3.02
N LEU A 318 32.26 -6.97 2.05
CA LEU A 318 31.23 -7.37 1.10
C LEU A 318 31.46 -8.71 0.41
N ALA A 319 32.71 -9.08 0.10
CA ALA A 319 33.01 -10.36 -0.55
C ALA A 319 32.67 -11.56 0.35
N ARG A 320 32.79 -11.39 1.68
CA ARG A 320 32.52 -12.38 2.72
C ARG A 320 31.18 -12.05 3.38
N ALA A 321 30.23 -11.53 2.59
CA ALA A 321 28.96 -11.03 3.11
C ALA A 321 28.05 -12.09 3.75
N GLU A 322 27.97 -13.32 3.18
CA GLU A 322 27.10 -14.45 3.57
C GLU A 322 27.28 -14.89 5.02
N GLU A 323 28.53 -14.81 5.51
CA GLU A 323 28.90 -15.20 6.87
C GLU A 323 28.84 -14.01 7.84
N GLN A 324 28.38 -12.84 7.36
CA GLN A 324 28.38 -11.59 8.10
C GLN A 324 27.30 -11.36 9.14
N MET A 325 27.67 -10.51 10.12
CA MET A 325 26.89 -10.06 11.27
C MET A 325 25.72 -9.18 10.82
N GLY A 326 24.97 -8.71 11.79
CA GLY A 326 23.81 -7.86 11.58
C GLY A 326 23.05 -7.72 12.87
N SER A 327 22.82 -6.49 13.29
CA SER A 327 22.04 -6.27 14.51
C SER A 327 20.90 -5.29 14.25
N LEU A 328 19.69 -5.72 14.61
CA LEU A 328 18.47 -4.94 14.42
C LEU A 328 17.89 -4.49 15.76
N THR A 329 17.63 -3.18 15.87
CA THR A 329 17.08 -2.55 17.06
C THR A 329 15.74 -1.87 16.83
N ARG A 330 14.77 -2.13 17.72
CA ARG A 330 13.48 -1.45 17.72
C ARG A 330 13.62 -0.32 18.73
N ASN A 331 13.32 0.91 18.30
CA ASN A 331 13.35 2.08 19.16
C ASN A 331 11.90 2.32 19.56
N CYS A 332 11.45 1.69 20.66
CA CYS A 332 10.07 1.77 21.17
C CYS A 332 9.63 3.20 21.56
N ASN A 333 10.58 4.10 21.89
CA ASN A 333 10.28 5.49 22.27
C ASN A 333 9.54 6.24 21.16
N VAL A 334 9.83 5.89 19.90
CA VAL A 334 9.23 6.41 18.67
C VAL A 334 7.74 6.06 18.60
N LEU A 335 7.32 4.95 19.25
CA LEU A 335 5.90 4.56 19.28
C LEU A 335 5.10 5.65 19.94
N HIS A 336 3.95 5.97 19.35
CA HIS A 336 3.08 7.02 19.85
C HIS A 336 2.68 6.87 21.33
N PRO A 337 2.17 5.71 21.83
CA PRO A 337 1.84 5.59 23.27
C PRO A 337 3.02 5.73 24.23
N TYR A 338 4.26 5.62 23.73
CA TYR A 338 5.49 5.70 24.52
C TYR A 338 6.15 7.08 24.41
N ARG A 339 5.46 8.06 23.75
CA ARG A 339 5.96 9.42 23.49
C ARG A 339 6.35 10.24 24.73
N LYS A 340 5.68 10.04 25.89
CA LYS A 340 6.04 10.84 27.07
C LYS A 340 6.99 10.11 28.01
N VAL A 341 7.31 8.84 27.71
CA VAL A 341 8.26 8.05 28.48
C VAL A 341 9.64 8.70 28.40
N SER A 342 10.21 8.99 29.58
CA SER A 342 11.51 9.64 29.68
C SER A 342 12.66 8.66 29.51
N SER A 343 12.51 7.42 29.99
CA SER A 343 13.56 6.40 29.91
C SER A 343 13.57 5.66 28.57
N PRO A 344 14.76 5.31 28.02
CA PRO A 344 14.81 4.58 26.75
C PRO A 344 14.20 3.17 26.85
N ILE A 345 13.52 2.71 25.78
CA ILE A 345 12.92 1.38 25.69
C ILE A 345 13.37 0.81 24.36
N LEU A 346 14.41 -0.02 24.40
CA LEU A 346 14.99 -0.57 23.19
C LEU A 346 14.99 -2.08 23.17
N ILE A 347 14.87 -2.64 21.96
CA ILE A 347 14.91 -4.09 21.74
C ILE A 347 15.97 -4.37 20.69
N THR A 348 17.04 -5.08 21.07
CA THR A 348 18.01 -5.48 20.09
C THR A 348 17.90 -6.98 19.87
N PHE A 349 17.72 -7.37 18.61
CA PHE A 349 17.64 -8.76 18.20
C PHE A 349 19.02 -9.15 17.73
N ASP A 350 19.49 -10.31 18.23
CA ASP A 350 20.79 -10.89 17.89
C ASP A 350 21.90 -9.83 17.92
N PRO A 351 22.12 -9.12 19.07
CA PRO A 351 23.19 -8.12 19.09
C PRO A 351 24.56 -8.77 18.93
N GLN A 352 25.33 -8.27 17.95
CA GLN A 352 26.66 -8.83 17.70
C GLN A 352 27.58 -8.25 18.76
N GLU A 353 27.52 -6.92 18.91
CA GLU A 353 28.27 -6.17 19.91
C GLU A 353 27.78 -6.52 21.32
N ASP A 354 28.72 -6.57 22.28
CA ASP A 354 28.42 -6.84 23.68
C ASP A 354 27.50 -5.72 24.17
N VAL A 355 26.36 -6.14 24.72
CA VAL A 355 25.33 -5.25 25.26
C VAL A 355 25.62 -5.05 26.75
N ASP A 356 25.44 -3.80 27.25
CA ASP A 356 25.65 -3.55 28.67
C ASP A 356 24.66 -4.37 29.52
N PRO A 357 25.19 -5.24 30.43
CA PRO A 357 24.32 -6.11 31.24
C PRO A 357 23.53 -5.38 32.32
N GLU A 358 24.05 -4.26 32.85
CA GLU A 358 23.39 -3.42 33.87
C GLU A 358 22.15 -2.74 33.30
N ARG A 359 22.09 -2.59 31.95
CA ARG A 359 20.99 -1.97 31.23
C ARG A 359 19.96 -2.97 30.67
N VAL A 360 20.25 -4.29 30.73
CA VAL A 360 19.34 -5.34 30.25
C VAL A 360 18.14 -5.50 31.20
N ILE A 361 16.93 -5.58 30.63
CA ILE A 361 15.69 -5.80 31.39
C ILE A 361 15.39 -7.30 31.42
N VAL A 362 15.49 -7.96 30.24
CA VAL A 362 15.22 -9.38 30.05
C VAL A 362 15.70 -9.81 28.64
N ARG A 363 15.97 -11.10 28.49
CA ARG A 363 16.36 -11.72 27.22
C ARG A 363 15.34 -12.80 26.96
N ARG A 364 15.13 -13.13 25.70
CA ARG A 364 14.23 -14.20 25.28
C ARG A 364 14.87 -14.88 24.08
N GLU A 365 14.70 -16.20 23.99
CA GLU A 365 15.30 -16.98 22.92
C GLU A 365 14.26 -17.80 22.23
N TRP A 366 14.10 -17.57 20.93
CA TRP A 366 13.12 -18.26 20.12
C TRP A 366 13.73 -18.73 18.83
N LYS A 367 12.99 -19.55 18.10
CA LYS A 367 13.40 -20.00 16.78
C LYS A 367 12.27 -19.77 15.77
N LEU A 368 12.62 -19.12 14.68
CA LEU A 368 11.72 -18.79 13.58
C LEU A 368 11.85 -19.76 12.44
N PRO A 369 10.73 -20.14 11.79
CA PRO A 369 10.83 -21.04 10.65
C PRO A 369 11.46 -20.39 9.43
N GLN A 370 12.14 -21.20 8.60
CA GLN A 370 12.72 -20.72 7.36
C GLN A 370 11.62 -20.69 6.32
N LEU A 371 11.75 -19.77 5.36
CA LEU A 371 10.74 -19.57 4.32
C LEU A 371 11.24 -19.80 2.93
N ARG A 372 12.09 -20.81 2.73
CA ARG A 372 12.56 -21.11 1.38
C ARG A 372 11.44 -21.85 0.64
N PRO A 373 11.42 -21.85 -0.72
CA PRO A 373 10.33 -22.54 -1.45
C PRO A 373 10.14 -23.99 -1.02
N VAL A 374 11.25 -24.66 -0.61
CA VAL A 374 11.28 -26.05 -0.13
C VAL A 374 10.51 -26.17 1.20
N ASP A 375 10.73 -25.22 2.13
CA ASP A 375 10.08 -25.15 3.44
C ASP A 375 8.58 -24.97 3.25
N VAL A 376 8.17 -24.08 2.32
CA VAL A 376 6.76 -23.84 1.99
C VAL A 376 6.13 -25.14 1.49
N ARG A 377 6.81 -25.85 0.54
CA ARG A 377 6.36 -27.14 0.02
C ARG A 377 6.21 -28.18 1.13
N ARG A 378 7.14 -28.18 2.09
CA ARG A 378 7.15 -29.06 3.26
C ARG A 378 5.91 -28.82 4.13
N LYS A 379 5.54 -27.55 4.37
CA LYS A 379 4.38 -27.17 5.18
C LYS A 379 3.06 -27.69 4.62
N LYS A 380 2.84 -27.52 3.29
CA LYS A 380 1.63 -27.98 2.59
C LYS A 380 1.45 -29.50 2.63
N ARG A 381 2.57 -30.24 2.59
CA ARG A 381 2.58 -31.71 2.59
C ARG A 381 1.95 -32.37 3.81
N LEU A 382 1.91 -31.66 4.96
CA LEU A 382 1.36 -32.15 6.24
C LEU A 382 -0.13 -32.57 6.18
N HIS A 383 -0.80 -32.39 5.03
CA HIS A 383 -2.19 -32.82 4.81
C HIS A 383 -2.30 -34.35 4.81
N GLU A 384 -1.19 -35.04 4.50
CA GLU A 384 -1.10 -36.49 4.46
C GLU A 384 -1.42 -37.09 5.84
N ILE A 385 -0.75 -36.59 6.91
CA ILE A 385 -0.92 -37.06 8.30
C ILE A 385 -2.06 -36.38 9.08
N GLN A 386 -2.77 -35.43 8.46
CA GLN A 386 -3.86 -34.70 9.10
C GLN A 386 -5.10 -35.58 9.32
N GLY A 387 -5.41 -35.88 10.59
CA GLY A 387 -6.57 -36.68 10.98
C GLY A 387 -6.36 -38.14 11.26
N LEU A 388 -5.13 -38.64 11.03
CA LEU A 388 -4.77 -40.04 11.23
C LEU A 388 -4.35 -40.25 12.66
N ASN A 389 -4.70 -41.43 13.23
CA ASN A 389 -4.41 -41.83 14.61
C ASN A 389 -4.98 -40.79 15.60
N GLY A 390 -6.07 -40.14 15.19
CA GLY A 390 -6.73 -39.07 15.94
C GLY A 390 -5.84 -37.86 16.20
N LEU A 391 -4.89 -37.61 15.29
CA LEU A 391 -3.95 -36.51 15.42
C LEU A 391 -4.24 -35.37 14.46
N TRP A 392 -3.98 -34.14 14.92
CA TRP A 392 -4.20 -32.90 14.18
C TRP A 392 -3.03 -31.97 14.46
N PHE A 393 -2.70 -31.15 13.48
CA PHE A 393 -1.54 -30.25 13.50
C PHE A 393 -1.93 -28.89 12.98
N CYS A 394 -1.62 -27.88 13.78
CA CYS A 394 -1.83 -26.48 13.47
C CYS A 394 -0.60 -25.72 13.95
N GLY A 395 -0.51 -24.45 13.60
CA GLY A 395 0.60 -23.60 14.00
C GLY A 395 1.38 -23.07 12.84
N THR A 396 2.43 -22.32 13.18
CA THR A 396 3.32 -21.66 12.22
C THR A 396 3.84 -22.63 11.14
N ASP A 397 4.35 -23.81 11.52
CA ASP A 397 4.90 -24.80 10.58
C ASP A 397 3.86 -25.49 9.68
N THR A 398 2.56 -25.26 9.91
CA THR A 398 1.51 -25.89 9.10
C THR A 398 0.79 -24.87 8.23
N SER A 399 1.16 -23.59 8.37
CA SER A 399 0.46 -22.49 7.71
C SER A 399 1.37 -21.44 7.09
N VAL A 400 0.73 -20.42 6.45
CA VAL A 400 1.38 -19.27 5.86
C VAL A 400 2.03 -18.48 7.00
N THR A 401 3.08 -17.73 6.67
CA THR A 401 3.84 -16.91 7.60
C THR A 401 2.96 -15.85 8.29
N GLY A 402 3.41 -15.42 9.47
CA GLY A 402 2.73 -14.42 10.28
C GLY A 402 1.66 -14.99 11.19
N HIS A 403 1.38 -14.22 12.26
CA HIS A 403 0.39 -14.49 13.31
C HIS A 403 -0.99 -14.84 12.79
N GLU A 404 -1.48 -14.10 11.76
CA GLU A 404 -2.77 -14.38 11.14
C GLU A 404 -2.80 -15.84 10.65
N GLY A 405 -1.74 -16.28 10.01
CA GLY A 405 -1.67 -17.64 9.54
C GLY A 405 -1.66 -18.61 10.68
N ALA A 406 -0.94 -18.29 11.73
CA ALA A 406 -0.88 -19.19 12.86
C ALA A 406 -2.19 -19.41 13.57
N ILE A 407 -2.90 -18.34 13.88
CA ILE A 407 -4.16 -18.45 14.56
C ILE A 407 -5.22 -19.07 13.68
N VAL A 408 -5.21 -18.72 12.41
CA VAL A 408 -6.15 -19.23 11.45
C VAL A 408 -6.01 -20.73 11.25
N SER A 409 -4.79 -21.25 11.31
CA SER A 409 -4.58 -22.68 11.21
C SER A 409 -5.28 -23.37 12.37
N GLY A 410 -5.20 -22.79 13.57
CA GLY A 410 -5.90 -23.32 14.72
C GLY A 410 -7.40 -23.30 14.46
N MET A 411 -7.92 -22.23 13.86
CA MET A 411 -9.30 -22.17 13.54
C MET A 411 -9.69 -23.23 12.53
N VAL A 412 -8.84 -23.49 11.56
CA VAL A 412 -9.17 -24.47 10.55
C VAL A 412 -9.37 -25.82 11.17
N ILE A 413 -8.54 -26.15 12.14
CA ILE A 413 -8.67 -27.40 12.83
C ILE A 413 -9.97 -27.43 13.62
N ALA A 414 -10.33 -26.32 14.24
CA ALA A 414 -11.53 -26.25 15.04
C ALA A 414 -12.74 -26.51 14.18
N ASP A 415 -12.79 -25.98 12.98
CA ASP A 415 -13.90 -26.21 12.08
C ASP A 415 -13.99 -27.69 11.71
N ARG A 416 -12.85 -28.32 11.51
CA ARG A 416 -12.81 -29.73 11.19
C ARG A 416 -13.44 -30.51 12.32
N LEU A 417 -13.24 -30.05 13.54
CA LEU A 417 -13.76 -30.75 14.73
C LEU A 417 -15.13 -30.17 15.19
N GLY A 418 -15.88 -29.60 14.26
CA GLY A 418 -17.23 -29.11 14.53
C GLY A 418 -17.46 -27.63 14.72
N VAL A 419 -16.54 -26.92 15.43
CA VAL A 419 -16.66 -25.47 15.73
C VAL A 419 -16.35 -24.68 14.45
N PRO A 420 -17.36 -24.13 13.71
CA PRO A 420 -17.04 -23.42 12.47
C PRO A 420 -16.32 -22.09 12.64
N HIS A 421 -15.81 -21.56 11.52
CA HIS A 421 -15.11 -20.28 11.48
C HIS A 421 -15.96 -19.23 12.19
N PRO A 422 -15.46 -18.67 13.33
CA PRO A 422 -16.29 -17.76 14.16
C PRO A 422 -16.69 -16.41 13.56
N PHE A 423 -16.09 -16.01 12.43
CA PHE A 423 -16.39 -14.71 11.80
C PHE A 423 -16.84 -14.84 10.34
N PRO A 424 -17.97 -15.55 10.04
CA PRO A 424 -18.41 -15.68 8.64
C PRO A 424 -18.84 -14.36 7.99
N ASP A 425 -19.22 -13.38 8.83
CA ASP A 425 -19.67 -12.05 8.40
C ASP A 425 -18.55 -11.21 7.82
N ASP A 426 -17.38 -11.23 8.46
CA ASP A 426 -16.19 -10.51 8.01
C ASP A 426 -15.67 -11.21 6.75
N ALA A 427 -16.09 -10.74 5.55
CA ALA A 427 -15.70 -11.27 4.24
C ALA A 427 -14.17 -11.52 4.11
N PRO A 428 -13.26 -10.58 4.53
CA PRO A 428 -11.81 -10.88 4.43
C PRO A 428 -11.37 -11.96 5.40
N ALA A 429 -11.96 -12.03 6.63
CA ALA A 429 -11.62 -13.05 7.62
C ALA A 429 -12.03 -14.43 7.13
N ALA A 430 -13.20 -14.52 6.46
CA ALA A 430 -13.70 -15.75 5.84
C ALA A 430 -12.80 -16.12 4.66
N ALA A 431 -12.35 -15.09 3.88
CA ALA A 431 -11.44 -15.25 2.75
C ALA A 431 -10.11 -15.87 3.21
N GLN A 432 -9.54 -15.35 4.33
CA GLN A 432 -8.32 -15.86 4.96
C GLN A 432 -8.53 -17.31 5.33
N PHE A 433 -9.58 -17.56 6.13
CA PHE A 433 -9.97 -18.87 6.59
C PHE A 433 -9.98 -19.89 5.46
N ARG A 434 -10.69 -19.57 4.36
CA ARG A 434 -10.81 -20.38 3.14
C ARG A 434 -9.45 -20.62 2.48
N GLY A 435 -8.62 -19.59 2.41
CA GLY A 435 -7.26 -19.64 1.86
C GLY A 435 -6.36 -20.57 2.64
N ILE A 436 -6.31 -20.38 3.98
CA ILE A 436 -5.51 -21.17 4.94
C ILE A 436 -6.02 -22.62 4.92
N LYS A 437 -7.35 -22.83 4.84
CA LYS A 437 -7.95 -24.17 4.78
C LYS A 437 -7.46 -24.90 3.53
N GLU A 438 -7.40 -24.19 2.37
CA GLU A 438 -6.91 -24.79 1.13
C GLU A 438 -5.41 -25.10 1.24
N PHE A 439 -4.62 -24.15 1.81
CA PHE A 439 -3.18 -24.29 2.00
C PHE A 439 -2.87 -25.49 2.89
N MET A 440 -3.60 -25.63 4.00
CA MET A 440 -3.45 -26.70 4.95
C MET A 440 -3.91 -28.04 4.43
N GLY A 441 -4.69 -28.13 3.37
CA GLY A 441 -5.08 -29.46 2.89
C GLY A 441 -6.27 -30.08 3.58
N VAL A 442 -6.72 -29.52 4.75
CA VAL A 442 -7.95 -29.94 5.46
C VAL A 442 -9.17 -29.49 4.57
N VAL B 7 -21.59 0.92 -37.18
CA VAL B 7 -21.08 0.11 -38.28
C VAL B 7 -20.00 0.92 -39.04
N VAL B 8 -18.74 0.76 -38.59
CA VAL B 8 -17.62 1.50 -39.15
C VAL B 8 -16.76 0.63 -40.10
N GLU B 9 -16.61 1.12 -41.33
CA GLU B 9 -15.75 0.47 -42.31
C GLU B 9 -14.28 0.87 -41.97
N ALA B 10 -13.26 0.10 -42.40
CA ALA B 10 -11.84 0.43 -42.27
C ALA B 10 -11.52 1.63 -43.15
N LYS B 11 -10.38 2.26 -42.83
CA LYS B 11 -9.86 3.41 -43.55
C LYS B 11 -10.90 4.55 -43.73
N SER B 12 -11.69 4.84 -42.67
CA SER B 12 -12.68 5.91 -42.65
C SER B 12 -11.97 7.20 -42.33
N ARG B 13 -12.62 8.32 -42.62
CA ARG B 13 -12.05 9.60 -42.27
C ARG B 13 -12.53 9.91 -40.88
N ILE B 14 -11.61 9.91 -39.94
CA ILE B 14 -11.99 10.13 -38.54
C ILE B 14 -11.28 11.33 -37.96
N ALA B 15 -12.03 12.21 -37.28
CA ALA B 15 -11.42 13.34 -36.59
C ALA B 15 -11.47 13.13 -35.09
N VAL B 16 -10.40 13.56 -34.42
CA VAL B 16 -10.32 13.49 -32.96
C VAL B 16 -10.22 14.95 -32.51
N VAL B 17 -11.18 15.39 -31.70
CA VAL B 17 -11.27 16.76 -31.21
C VAL B 17 -10.75 16.83 -29.78
N GLY B 18 -9.60 17.45 -29.60
CA GLY B 18 -8.95 17.56 -28.31
C GLY B 18 -7.68 16.72 -28.29
N GLY B 19 -6.56 17.40 -28.09
CA GLY B 19 -5.24 16.81 -28.07
C GLY B 19 -4.65 16.50 -26.72
N GLY B 20 -5.52 16.29 -25.72
CA GLY B 20 -5.09 15.89 -24.38
C GLY B 20 -4.75 14.41 -24.41
N GLY B 21 -4.32 13.87 -23.26
CA GLY B 21 -3.96 12.47 -23.10
C GLY B 21 -4.88 11.50 -23.80
N SER B 22 -6.20 11.62 -23.51
CA SER B 22 -7.28 10.80 -24.09
C SER B 22 -7.36 10.87 -25.63
N GLY B 23 -7.35 12.08 -26.16
CA GLY B 23 -7.42 12.35 -27.60
C GLY B 23 -6.21 11.85 -28.34
N SER B 24 -5.01 12.25 -27.86
CA SER B 24 -3.71 11.84 -28.39
C SER B 24 -3.59 10.31 -28.45
N VAL B 25 -3.86 9.60 -27.33
CA VAL B 25 -3.83 8.13 -27.27
C VAL B 25 -4.89 7.53 -28.22
N ALA B 26 -6.10 8.14 -28.31
CA ALA B 26 -7.18 7.67 -29.20
C ALA B 26 -6.77 7.80 -30.67
N ALA B 27 -6.25 9.00 -31.07
CA ALA B 27 -5.78 9.30 -32.42
C ALA B 27 -4.71 8.30 -32.81
N TRP B 28 -3.66 8.19 -31.96
CA TRP B 28 -2.50 7.29 -32.08
C TRP B 28 -2.91 5.82 -32.35
N LEU B 29 -3.93 5.31 -31.63
CA LEU B 29 -4.44 3.95 -31.82
C LEU B 29 -5.29 3.89 -33.07
N LEU B 30 -6.13 4.91 -33.30
CA LEU B 30 -7.03 5.01 -34.46
C LEU B 30 -6.25 5.10 -35.77
N ALA B 31 -5.10 5.81 -35.77
CA ALA B 31 -4.20 6.06 -36.92
C ALA B 31 -3.73 4.78 -37.60
N ARG B 32 -3.72 3.66 -36.86
CA ARG B 32 -3.31 2.35 -37.35
C ARG B 32 -4.27 1.84 -38.44
N ARG B 33 -5.59 2.01 -38.25
CA ARG B 33 -6.61 1.49 -39.16
C ARG B 33 -7.41 2.55 -39.96
N HIS B 34 -7.41 3.82 -39.53
CA HIS B 34 -8.20 4.81 -40.25
C HIS B 34 -7.41 6.03 -40.61
N ASP B 35 -7.96 6.83 -41.55
CA ASP B 35 -7.38 8.11 -41.92
C ASP B 35 -7.77 9.00 -40.74
N VAL B 36 -6.76 9.45 -39.98
CA VAL B 36 -7.03 10.18 -38.75
C VAL B 36 -6.46 11.58 -38.76
N THR B 37 -7.25 12.54 -38.29
CA THR B 37 -6.84 13.94 -38.12
C THR B 37 -7.13 14.31 -36.69
N LEU B 38 -6.17 14.94 -36.01
CA LEU B 38 -6.36 15.33 -34.62
C LEU B 38 -6.28 16.83 -34.47
N PHE B 39 -7.35 17.43 -33.95
CA PHE B 39 -7.42 18.88 -33.73
C PHE B 39 -7.15 19.22 -32.30
N GLU B 40 -6.26 20.19 -32.10
CA GLU B 40 -5.88 20.66 -30.79
C GLU B 40 -5.82 22.17 -30.80
N ALA B 41 -6.60 22.80 -29.90
CA ALA B 41 -6.70 24.25 -29.72
C ALA B 41 -5.37 24.93 -29.37
N ASP B 42 -4.62 24.34 -28.42
CA ASP B 42 -3.36 24.88 -27.94
C ASP B 42 -2.14 24.45 -28.77
N GLU B 43 -0.98 25.05 -28.46
CA GLU B 43 0.33 24.89 -29.10
C GLU B 43 1.09 23.58 -28.77
N TYR B 44 0.43 22.59 -28.13
CA TYR B 44 1.06 21.34 -27.72
C TYR B 44 0.05 20.24 -27.48
N LEU B 45 0.52 18.99 -27.38
CA LEU B 45 -0.33 17.85 -27.05
C LEU B 45 -0.20 17.51 -25.56
N GLY B 46 -1.32 17.16 -24.93
CA GLY B 46 -1.35 16.81 -23.50
C GLY B 46 -2.44 17.41 -22.64
N GLY B 47 -2.72 18.70 -22.85
CA GLY B 47 -3.73 19.45 -22.09
C GLY B 47 -3.31 19.67 -20.66
N HIS B 48 -3.93 18.92 -19.72
CA HIS B 48 -3.59 18.97 -18.31
C HIS B 48 -2.19 18.37 -18.07
N ALA B 49 -1.75 17.46 -18.98
CA ALA B 49 -0.44 16.85 -18.98
C ALA B 49 0.52 17.84 -19.70
N TYR B 50 1.10 18.73 -18.90
CA TYR B 50 1.99 19.78 -19.38
C TYR B 50 3.27 19.85 -18.59
N SER B 51 4.40 19.87 -19.30
CA SER B 51 5.73 19.97 -18.72
C SER B 51 6.38 21.23 -19.27
N HIS B 52 6.71 22.16 -18.38
CA HIS B 52 7.31 23.43 -18.74
C HIS B 52 8.83 23.44 -18.61
N PRO B 53 9.57 23.82 -19.69
CA PRO B 53 11.04 23.90 -19.59
C PRO B 53 11.51 25.02 -18.66
N VAL B 54 12.38 24.65 -17.73
CA VAL B 54 12.98 25.54 -16.74
C VAL B 54 14.46 25.37 -16.94
N GLU B 55 15.15 26.50 -17.10
CA GLU B 55 16.57 26.55 -17.31
C GLU B 55 17.24 26.64 -15.97
N THR B 56 18.21 25.77 -15.72
CA THR B 56 18.94 25.71 -14.45
C THR B 56 20.40 25.31 -14.69
N ASP B 57 21.22 25.36 -13.63
CA ASP B 57 22.64 25.01 -13.61
C ASP B 57 22.93 23.56 -14.05
N GLN B 58 21.93 22.67 -13.95
CA GLN B 58 22.05 21.26 -14.33
C GLN B 58 21.59 21.00 -15.77
N GLY B 59 21.05 22.03 -16.39
CA GLY B 59 20.52 21.96 -17.74
C GLY B 59 19.05 22.35 -17.77
N THR B 60 18.35 22.02 -18.88
CA THR B 60 16.93 22.33 -19.05
C THR B 60 16.06 21.24 -18.49
N LEU B 61 15.26 21.58 -17.50
CA LEU B 61 14.32 20.62 -16.92
C LEU B 61 12.90 20.90 -17.33
N HIS B 62 12.17 19.84 -17.64
CA HIS B 62 10.76 19.91 -18.00
C HIS B 62 9.94 19.57 -16.76
N VAL B 63 9.33 20.60 -16.14
CA VAL B 63 8.55 20.50 -14.91
C VAL B 63 7.07 20.30 -15.18
N ASP B 64 6.49 19.20 -14.64
CA ASP B 64 5.07 18.88 -14.74
C ASP B 64 4.29 19.85 -13.86
N MET B 65 3.44 20.67 -14.50
CA MET B 65 2.62 21.68 -13.82
C MET B 65 1.22 21.20 -13.53
N GLY B 66 0.75 20.24 -14.33
CA GLY B 66 -0.57 19.66 -14.19
C GLY B 66 -0.46 18.21 -13.78
N VAL B 67 -0.84 17.29 -14.70
CA VAL B 67 -0.75 15.83 -14.52
C VAL B 67 0.69 15.45 -14.22
N GLU B 68 0.91 14.72 -13.11
CA GLU B 68 2.27 14.31 -12.78
C GLU B 68 2.38 12.95 -12.08
N HIS B 69 1.27 12.38 -11.59
CA HIS B 69 1.33 11.14 -10.83
C HIS B 69 0.58 9.96 -11.38
N PHE B 70 1.20 8.79 -11.13
CA PHE B 70 0.75 7.46 -11.53
C PHE B 70 1.57 6.38 -10.80
N ASN B 71 1.20 5.13 -11.04
CA ASN B 71 1.81 3.92 -10.51
C ASN B 71 1.73 2.86 -11.56
N GLU B 72 2.56 1.85 -11.45
CA GLU B 72 2.49 0.67 -12.29
C GLU B 72 1.22 -0.16 -11.95
N LYS B 73 0.70 -0.08 -10.70
CA LYS B 73 -0.50 -0.82 -10.29
C LYS B 73 -1.77 -0.07 -10.69
N LEU B 74 -1.82 1.23 -10.37
CA LEU B 74 -2.94 2.14 -10.61
C LEU B 74 -3.12 2.52 -12.08
N SER B 75 -2.00 2.75 -12.78
CA SER B 75 -1.98 3.15 -14.17
C SER B 75 -1.26 2.11 -15.06
N PRO B 76 -1.77 0.84 -15.18
CA PRO B 76 -1.06 -0.16 -16.00
C PRO B 76 -0.86 0.21 -17.46
N ASN B 77 -1.92 0.69 -18.17
CA ASN B 77 -1.85 1.09 -19.57
C ASN B 77 -0.88 2.23 -19.83
N LEU B 78 -0.91 3.27 -18.98
CA LEU B 78 -0.01 4.42 -19.06
C LEU B 78 1.44 3.99 -18.87
N PHE B 79 1.65 3.07 -17.91
CA PHE B 79 2.96 2.52 -17.56
C PHE B 79 3.57 1.70 -18.70
N ARG B 80 2.81 0.74 -19.25
CA ARG B 80 3.22 -0.12 -20.37
C ARG B 80 3.55 0.72 -21.59
N LEU B 81 2.80 1.82 -21.78
CA LEU B 81 2.96 2.79 -22.86
C LEU B 81 4.31 3.50 -22.69
N LEU B 82 4.59 4.04 -21.48
CA LEU B 82 5.85 4.71 -21.13
C LEU B 82 7.01 3.75 -21.31
N THR B 83 6.82 2.48 -20.89
CA THR B 83 7.81 1.41 -21.00
C THR B 83 8.12 1.11 -22.47
N ASP B 84 7.07 0.95 -23.32
CA ASP B 84 7.19 0.69 -24.76
C ASP B 84 7.89 1.84 -25.51
N PHE B 85 7.90 3.03 -24.91
CA PHE B 85 8.52 4.22 -25.48
C PHE B 85 9.91 4.44 -24.90
N GLY B 86 10.36 3.51 -24.08
CA GLY B 86 11.65 3.59 -23.39
C GLY B 86 11.74 4.79 -22.48
N ILE B 87 10.59 5.15 -21.85
CA ILE B 87 10.51 6.27 -20.92
C ILE B 87 10.65 5.73 -19.52
N GLY B 88 11.64 6.24 -18.83
CA GLY B 88 11.92 5.88 -17.46
C GLY B 88 10.95 6.54 -16.52
N THR B 89 10.77 5.94 -15.36
CA THR B 89 9.91 6.46 -14.30
C THR B 89 10.75 6.52 -13.04
N TYR B 90 10.28 7.24 -12.05
CA TYR B 90 10.95 7.34 -10.76
C TYR B 90 9.95 7.62 -9.67
N VAL B 91 10.24 7.08 -8.47
CA VAL B 91 9.42 7.25 -7.29
C VAL B 91 9.60 8.67 -6.74
N ALA B 92 8.48 9.37 -6.59
CA ALA B 92 8.31 10.71 -6.05
C ALA B 92 7.23 10.50 -4.97
N PRO B 93 7.62 10.17 -3.72
CA PRO B 93 6.60 9.86 -2.70
C PRO B 93 5.77 11.06 -2.27
N SER B 94 4.45 10.84 -2.06
CA SER B 94 3.53 11.89 -1.63
C SER B 94 3.69 12.26 -0.17
N SER B 95 4.80 12.92 0.21
CA SER B 95 4.95 13.38 1.59
C SER B 95 4.20 14.72 1.69
N VAL B 96 3.38 14.88 2.72
CA VAL B 96 2.53 16.04 2.92
C VAL B 96 2.84 16.75 4.23
N HIS B 97 2.87 18.09 4.19
CA HIS B 97 3.03 18.96 5.36
C HIS B 97 1.88 19.96 5.30
N VAL B 98 1.10 20.04 6.39
CA VAL B 98 -0.03 20.97 6.49
C VAL B 98 0.28 22.00 7.57
N ASP B 99 0.12 23.29 7.23
CA ASP B 99 0.37 24.39 8.15
C ASP B 99 -0.82 25.27 8.37
N PHE B 100 -1.06 25.55 9.64
CA PHE B 100 -2.14 26.43 10.06
C PHE B 100 -1.59 27.67 10.82
N PRO B 101 -2.42 28.75 10.89
CA PRO B 101 -1.94 30.03 11.45
C PRO B 101 -1.32 30.06 12.84
N GLY B 102 -1.84 29.27 13.79
CA GLY B 102 -1.29 29.27 15.15
C GLY B 102 0.13 28.76 15.22
N GLU B 103 0.91 29.18 16.23
CA GLU B 103 2.28 28.69 16.31
C GLU B 103 2.27 27.18 16.52
N GLN B 104 3.03 26.44 15.67
CA GLN B 104 3.20 24.98 15.67
C GLN B 104 1.91 24.20 15.37
N GLN B 105 0.98 24.85 14.65
CA GLN B 105 -0.30 24.26 14.26
C GLN B 105 -0.09 23.53 12.94
N SER B 106 0.60 22.40 13.01
CA SER B 106 0.93 21.64 11.82
C SER B 106 0.88 20.15 12.04
N TRP B 107 0.89 19.41 10.93
CA TRP B 107 0.91 17.96 10.92
C TRP B 107 1.50 17.54 9.60
N ASN B 108 2.18 16.41 9.61
CA ASN B 108 2.78 15.89 8.40
C ASN B 108 2.71 14.39 8.32
N ASN B 109 2.92 13.93 7.10
CA ASN B 109 2.95 12.57 6.63
C ASN B 109 4.10 11.76 7.19
N LEU B 110 5.25 12.40 7.38
CA LEU B 110 6.53 11.78 7.69
C LEU B 110 6.73 11.42 9.16
N ASP B 111 6.26 12.26 10.08
CA ASP B 111 6.42 12.06 11.52
C ASP B 111 5.20 12.54 12.32
N PHE B 112 5.34 12.53 13.66
CA PHE B 112 4.27 12.88 14.60
C PHE B 112 4.39 14.26 15.22
N LEU B 113 5.20 15.13 14.59
CA LEU B 113 5.39 16.47 15.16
C LEU B 113 4.25 17.41 14.81
N GLY B 114 4.07 18.43 15.64
CA GLY B 114 3.04 19.44 15.48
C GLY B 114 1.87 19.31 16.43
N GLU B 115 1.32 20.47 16.81
CA GLU B 115 0.18 20.59 17.74
C GLU B 115 -1.09 20.01 17.14
N LEU B 116 -1.25 20.17 15.82
CA LEU B 116 -2.39 19.62 15.10
C LEU B 116 -2.33 18.11 15.08
N ARG B 117 -1.10 17.55 15.02
CA ARG B 117 -0.90 16.11 15.05
C ARG B 117 -1.40 15.61 16.41
N GLU B 118 -0.94 16.24 17.52
CA GLU B 118 -1.35 15.93 18.88
C GLU B 118 -2.88 15.90 19.03
N GLU B 119 -3.54 16.99 18.55
CA GLU B 119 -4.99 17.18 18.59
C GLU B 119 -5.76 16.13 17.77
N LEU B 120 -5.27 15.77 16.57
CA LEU B 120 -5.98 14.87 15.65
C LEU B 120 -5.47 13.43 15.48
N HIS B 121 -4.33 13.04 16.09
CA HIS B 121 -3.71 11.71 15.94
C HIS B 121 -4.67 10.52 16.00
N GLU B 122 -5.54 10.48 17.03
CA GLU B 122 -6.51 9.40 17.24
C GLU B 122 -7.50 9.27 16.08
N GLU B 123 -7.89 10.41 15.49
CA GLU B 123 -8.81 10.48 14.36
C GLU B 123 -8.16 10.00 13.07
N PHE B 124 -6.87 10.36 12.85
CA PHE B 124 -6.07 9.92 11.70
C PHE B 124 -6.04 8.40 11.72
N ASP B 125 -5.70 7.84 12.90
CA ASP B 125 -5.60 6.44 13.23
C ASP B 125 -6.90 5.67 12.93
N ARG B 126 -8.06 6.14 13.45
CA ARG B 126 -9.35 5.48 13.21
C ARG B 126 -9.76 5.56 11.74
N PHE B 127 -9.46 6.69 11.09
CA PHE B 127 -9.77 6.92 9.69
C PHE B 127 -9.17 5.85 8.77
N HIS B 128 -7.84 5.62 8.87
CA HIS B 128 -7.10 4.59 8.12
C HIS B 128 -7.74 3.22 8.29
N GLN B 129 -8.06 2.84 9.54
CA GLN B 129 -8.71 1.57 9.84
C GLN B 129 -10.03 1.49 9.07
N GLU B 130 -10.96 2.44 9.34
CA GLU B 130 -12.29 2.53 8.71
C GLU B 130 -12.23 2.49 7.20
N MET B 131 -11.28 3.22 6.59
CA MET B 131 -11.07 3.27 5.13
C MET B 131 -10.58 1.97 4.57
N ASN B 132 -9.70 1.26 5.30
CA ASN B 132 -9.17 -0.03 4.86
C ASN B 132 -10.24 -1.11 4.95
N GLN B 133 -11.11 -1.03 5.98
CA GLN B 133 -12.19 -1.98 6.19
C GLN B 133 -13.40 -1.77 5.31
N LEU B 134 -13.61 -0.53 4.83
CA LEU B 134 -14.74 -0.08 4.01
C LEU B 134 -14.94 -0.82 2.65
N PRO B 135 -14.00 -0.86 1.66
CA PRO B 135 -14.30 -1.53 0.36
C PRO B 135 -14.98 -2.89 0.45
N THR B 136 -14.71 -3.60 1.54
CA THR B 136 -15.28 -4.90 1.88
C THR B 136 -16.65 -4.68 2.55
N SER B 137 -17.57 -5.67 2.39
CA SER B 137 -18.91 -5.71 2.98
C SER B 137 -19.75 -4.45 2.76
N LYS B 143 -21.29 3.42 -0.35
CA LYS B 143 -20.88 3.37 -1.74
C LYS B 143 -20.99 4.75 -2.38
N GLN B 144 -22.23 5.12 -2.79
CA GLN B 144 -22.58 6.42 -3.38
C GLN B 144 -23.06 7.32 -2.25
N MET B 145 -22.10 7.89 -1.54
CA MET B 145 -22.19 8.78 -0.38
C MET B 145 -20.95 9.64 -0.47
N SER B 146 -21.05 10.91 -0.06
CA SER B 146 -19.90 11.79 -0.09
C SER B 146 -19.02 11.49 1.13
N ILE B 147 -17.75 11.86 1.03
CA ILE B 147 -16.78 11.72 2.11
C ILE B 147 -17.24 12.56 3.32
N GLY B 148 -17.70 13.78 3.06
CA GLY B 148 -18.23 14.72 4.04
C GLY B 148 -19.34 14.14 4.88
N GLU B 149 -20.34 13.50 4.22
CA GLU B 149 -21.46 12.77 4.84
C GLU B 149 -20.89 11.71 5.76
N TYR B 150 -19.99 10.84 5.21
CA TYR B 150 -19.34 9.77 5.96
C TYR B 150 -18.72 10.28 7.26
N LEU B 151 -17.87 11.32 7.17
CA LEU B 151 -17.18 11.92 8.31
C LEU B 151 -18.15 12.40 9.38
N ASP B 152 -19.26 13.02 8.95
CA ASP B 152 -20.31 13.51 9.84
C ASP B 152 -20.99 12.37 10.59
N LYS B 153 -21.54 11.37 9.87
CA LYS B 153 -22.19 10.22 10.50
C LYS B 153 -21.26 9.43 11.41
N HIS B 154 -19.96 9.35 11.08
CA HIS B 154 -19.04 8.57 11.89
C HIS B 154 -18.30 9.41 12.95
N GLY B 155 -18.97 10.44 13.44
CA GLY B 155 -18.53 11.33 14.53
C GLY B 155 -17.13 11.91 14.49
N TYR B 156 -16.62 12.24 13.28
CA TYR B 156 -15.32 12.88 13.16
C TYR B 156 -15.51 14.36 13.43
N SER B 157 -14.52 14.98 14.11
CA SER B 157 -14.55 16.40 14.44
C SER B 157 -14.55 17.28 13.20
N LYS B 158 -15.05 18.51 13.36
CA LYS B 158 -15.07 19.53 12.31
C LYS B 158 -13.60 19.89 12.02
N SER B 159 -12.76 19.93 13.08
CA SER B 159 -11.33 20.21 12.99
C SER B 159 -10.66 19.17 12.07
N PHE B 160 -11.04 17.87 12.19
CA PHE B 160 -10.51 16.82 11.32
C PHE B 160 -10.86 17.09 9.86
N LYS B 161 -12.16 17.38 9.58
CA LYS B 161 -12.69 17.66 8.25
C LYS B 161 -11.97 18.77 7.52
N TYR B 162 -11.68 19.88 8.21
CA TYR B 162 -11.11 21.07 7.59
C TYR B 162 -9.61 21.27 7.78
N LYS B 163 -9.01 20.70 8.84
CA LYS B 163 -7.57 20.85 9.08
C LYS B 163 -6.75 19.65 8.58
N ALA B 164 -7.41 18.52 8.28
CA ALA B 164 -6.72 17.31 7.82
C ALA B 164 -7.27 16.73 6.52
N MET B 165 -8.56 16.36 6.48
CA MET B 165 -9.20 15.75 5.31
C MET B 165 -9.23 16.65 4.09
N ASN B 166 -9.81 17.87 4.21
CA ASN B 166 -9.87 18.82 3.11
C ASN B 166 -8.46 19.17 2.56
N PRO B 167 -7.44 19.50 3.41
CA PRO B 167 -6.09 19.75 2.87
C PRO B 167 -5.47 18.56 2.15
N ILE B 168 -5.53 17.33 2.70
CA ILE B 168 -4.92 16.17 2.04
C ILE B 168 -5.59 15.85 0.68
N LEU B 169 -6.91 16.08 0.57
CA LEU B 169 -7.65 15.85 -0.68
C LEU B 169 -7.35 16.91 -1.74
N SER B 170 -6.81 18.08 -1.34
CA SER B 170 -6.50 19.19 -2.26
C SER B 170 -5.45 18.86 -3.32
N ILE B 171 -4.57 17.86 -3.07
CA ILE B 171 -3.49 17.45 -3.99
C ILE B 171 -4.03 17.06 -5.37
N TYR B 172 -5.15 16.33 -5.41
CA TYR B 172 -5.74 15.89 -6.68
C TYR B 172 -6.81 16.87 -7.08
N SER B 173 -7.70 17.18 -6.12
CA SER B 173 -8.91 17.93 -6.33
C SER B 173 -8.69 19.41 -6.58
N GLY B 174 -7.63 19.95 -6.01
CA GLY B 174 -7.35 21.38 -6.08
C GLY B 174 -7.94 22.02 -4.84
N CYS B 175 -7.27 23.04 -4.30
CA CYS B 175 -7.69 23.75 -3.10
C CYS B 175 -9.11 24.32 -3.19
N HIS B 176 -9.53 24.81 -4.38
CA HIS B 176 -10.85 25.39 -4.65
C HIS B 176 -12.03 24.41 -4.57
N ALA B 177 -11.74 23.11 -4.71
CA ALA B 177 -12.73 22.04 -4.77
C ALA B 177 -13.59 21.83 -3.54
N PRO B 178 -14.88 21.50 -3.79
CA PRO B 178 -15.77 21.11 -2.69
C PRO B 178 -15.46 19.62 -2.44
N SER B 179 -14.17 19.32 -2.12
CA SER B 179 -13.66 17.96 -1.92
C SER B 179 -14.50 17.12 -1.00
N LEU B 180 -15.03 17.74 0.08
CA LEU B 180 -15.88 17.08 1.06
C LEU B 180 -17.21 16.54 0.48
N ASP B 181 -17.56 16.95 -0.74
CA ASP B 181 -18.76 16.47 -1.44
C ASP B 181 -18.46 15.32 -2.38
N TYR B 182 -17.18 14.96 -2.53
CA TYR B 182 -16.76 13.87 -3.43
C TYR B 182 -17.11 12.52 -2.89
N ASN B 183 -17.41 11.58 -3.79
CA ASN B 183 -17.77 10.23 -3.42
C ASN B 183 -16.74 9.57 -2.49
N LEU B 184 -17.25 8.77 -1.57
CA LEU B 184 -16.52 8.06 -0.53
C LEU B 184 -15.49 7.08 -1.06
N MET B 185 -15.89 6.19 -2.00
CA MET B 185 -15.00 5.16 -2.55
C MET B 185 -13.72 5.73 -3.14
N TYR B 186 -13.79 6.89 -3.79
CA TYR B 186 -12.62 7.59 -4.33
C TYR B 186 -11.61 7.89 -3.19
N VAL B 187 -12.10 8.40 -2.04
CA VAL B 187 -11.28 8.71 -0.85
C VAL B 187 -10.83 7.39 -0.18
N ALA B 188 -11.77 6.44 0.03
CA ALA B 188 -11.52 5.13 0.63
C ALA B 188 -10.37 4.42 -0.08
N LEU B 189 -10.44 4.32 -1.43
CA LEU B 189 -9.43 3.68 -2.27
C LEU B 189 -8.11 4.46 -2.32
N SER B 190 -8.13 5.82 -2.22
CA SER B 190 -6.91 6.63 -2.20
C SER B 190 -6.10 6.32 -0.94
N PHE B 191 -6.80 5.93 0.15
CA PHE B 191 -6.19 5.55 1.42
C PHE B 191 -5.83 4.07 1.42
N SER B 192 -6.80 3.21 1.04
CA SER B 192 -6.70 1.76 0.93
C SER B 192 -5.50 1.32 0.09
N MET B 193 -5.20 2.08 -0.98
CA MET B 193 -4.10 1.81 -1.91
C MET B 193 -2.86 2.68 -1.66
N ASN B 194 -2.66 3.17 -0.43
CA ASN B 194 -1.49 3.97 -0.03
C ASN B 194 -1.16 5.13 -1.02
N LEU B 195 -2.19 5.82 -1.57
CA LEU B 195 -1.97 6.95 -2.45
C LEU B 195 -1.91 8.18 -1.56
N LEU B 196 -2.78 8.18 -0.56
CA LEU B 196 -2.89 9.20 0.46
C LEU B 196 -2.84 8.53 1.81
N SER B 197 -2.09 9.11 2.72
CA SER B 197 -1.95 8.60 4.08
C SER B 197 -1.57 9.71 5.04
N PHE B 198 -1.89 9.49 6.31
CA PHE B 198 -1.54 10.41 7.39
C PHE B 198 -0.32 9.90 8.12
N PHE B 199 0.10 8.66 7.86
CA PHE B 199 1.23 8.05 8.56
C PHE B 199 2.47 7.82 7.72
N SER B 200 2.31 7.79 6.40
CA SER B 200 3.43 7.56 5.49
C SER B 200 3.24 8.27 4.16
N ALA B 201 4.35 8.54 3.46
CA ALA B 201 4.32 9.10 2.12
C ALA B 201 3.73 8.03 1.20
N GLY B 202 2.83 8.45 0.32
CA GLY B 202 2.17 7.57 -0.61
C GLY B 202 3.12 7.10 -1.69
N TYR B 203 2.83 5.93 -2.28
CA TYR B 203 3.67 5.37 -3.32
C TYR B 203 3.29 5.98 -4.65
N TRP B 204 4.13 6.89 -5.14
N TRP B 204 4.12 6.93 -5.12
CA TRP B 204 3.91 7.60 -6.39
CA TRP B 204 3.92 7.64 -6.38
C TRP B 204 5.10 7.64 -7.29
C TRP B 204 5.11 7.68 -7.28
N ARG B 205 4.84 7.71 -8.59
CA ARG B 205 5.83 7.81 -9.64
C ARG B 205 5.56 8.99 -10.53
N LYS B 206 6.63 9.47 -11.17
CA LYS B 206 6.63 10.56 -12.15
C LYS B 206 7.44 10.03 -13.34
N ALA B 207 7.24 10.63 -14.53
CA ALA B 207 7.94 10.20 -15.75
C ALA B 207 9.21 11.01 -15.98
N GLN B 208 10.28 10.32 -16.39
CA GLN B 208 11.61 10.88 -16.69
C GLN B 208 11.51 11.94 -17.79
N GLY B 209 11.97 13.14 -17.45
CA GLY B 209 11.94 14.30 -18.36
C GLY B 209 10.55 14.88 -18.57
N GLY B 210 9.69 14.73 -17.56
CA GLY B 210 8.31 15.20 -17.57
C GLY B 210 7.33 14.25 -18.21
N ILE B 211 6.02 14.45 -17.91
CA ILE B 211 4.88 13.70 -18.43
C ILE B 211 4.74 13.90 -19.94
N HIS B 212 5.21 15.06 -20.46
CA HIS B 212 5.16 15.45 -21.87
C HIS B 212 5.84 14.43 -22.78
N SER B 213 6.94 13.82 -22.30
CA SER B 213 7.76 12.83 -23.00
C SER B 213 6.97 11.77 -23.77
N TYR B 214 5.87 11.23 -23.19
CA TYR B 214 5.05 10.22 -23.85
C TYR B 214 4.20 10.82 -24.96
N LEU B 215 3.78 12.07 -24.78
CA LEU B 215 2.96 12.81 -25.72
C LEU B 215 3.78 13.28 -26.90
N ALA B 216 5.05 13.73 -26.65
CA ALA B 216 6.01 14.14 -27.68
C ALA B 216 6.22 12.99 -28.65
N ARG B 217 6.35 11.78 -28.12
CA ARG B 217 6.49 10.57 -28.91
C ARG B 217 5.23 10.33 -29.77
N ILE B 218 4.01 10.45 -29.18
CA ILE B 218 2.73 10.29 -29.91
C ILE B 218 2.65 11.30 -31.05
N GLU B 219 3.04 12.56 -30.80
CA GLU B 219 3.07 13.66 -31.76
C GLU B 219 3.94 13.28 -32.96
N SER B 220 5.15 12.72 -32.69
CA SER B 220 6.10 12.27 -33.70
C SER B 220 5.49 11.14 -34.56
N ASP B 221 4.87 10.12 -33.92
CA ASP B 221 4.23 8.98 -34.57
C ASP B 221 3.09 9.40 -35.47
N LEU B 222 2.32 10.41 -35.05
CA LEU B 222 1.22 10.93 -35.84
C LEU B 222 1.68 11.89 -36.92
N GLY B 223 2.78 12.59 -36.65
CA GLY B 223 3.39 13.56 -37.54
C GLY B 223 2.45 14.63 -38.00
N GLU B 224 2.13 14.61 -39.30
CA GLU B 224 1.31 15.61 -40.00
C GLU B 224 -0.20 15.57 -39.73
N ARG B 225 -0.72 14.43 -39.22
CA ARG B 225 -2.13 14.24 -38.85
C ARG B 225 -2.56 15.15 -37.68
N VAL B 226 -1.58 15.59 -36.87
CA VAL B 226 -1.75 16.47 -35.72
C VAL B 226 -1.89 17.93 -36.17
N ARG B 227 -3.01 18.55 -35.81
CA ARG B 227 -3.27 19.96 -36.11
C ARG B 227 -3.21 20.80 -34.86
N LEU B 228 -2.00 21.30 -34.56
CA LEU B 228 -1.81 22.17 -33.42
C LEU B 228 -2.37 23.54 -33.74
N ASN B 229 -2.74 24.32 -32.70
CA ASN B 229 -3.30 25.67 -32.81
C ASN B 229 -4.50 25.73 -33.75
N THR B 230 -5.28 24.64 -33.79
CA THR B 230 -6.44 24.53 -34.65
C THR B 230 -7.70 24.26 -33.79
N PRO B 231 -8.19 25.28 -33.04
CA PRO B 231 -9.42 25.05 -32.25
C PRO B 231 -10.57 24.76 -33.19
N VAL B 232 -11.34 23.71 -32.88
CA VAL B 232 -12.53 23.36 -33.65
C VAL B 232 -13.60 24.30 -33.17
N GLU B 233 -14.32 24.91 -34.11
CA GLU B 233 -15.37 25.85 -33.74
C GLU B 233 -16.74 25.22 -33.77
N ALA B 234 -16.94 24.22 -34.65
CA ALA B 234 -18.23 23.52 -34.76
C ALA B 234 -18.11 22.12 -35.34
N VAL B 235 -18.99 21.23 -34.89
CA VAL B 235 -19.10 19.84 -35.35
C VAL B 235 -20.52 19.62 -35.80
N VAL B 236 -20.69 19.35 -37.11
CA VAL B 236 -22.00 19.21 -37.70
C VAL B 236 -22.23 17.84 -38.37
N PRO B 237 -22.98 16.90 -37.75
CA PRO B 237 -23.30 15.66 -38.48
C PRO B 237 -24.25 16.02 -39.62
N THR B 238 -24.16 15.28 -40.74
CA THR B 238 -25.00 15.47 -41.90
C THR B 238 -25.47 14.07 -42.32
N GLN B 239 -26.03 13.95 -43.53
CA GLN B 239 -26.49 12.67 -44.06
C GLN B 239 -25.31 11.94 -44.70
N SER B 240 -24.43 12.69 -45.38
CA SER B 240 -23.23 12.16 -46.04
C SER B 240 -22.12 11.77 -45.04
N GLY B 241 -22.03 12.50 -43.93
CA GLY B 241 -21.05 12.31 -42.86
C GLY B 241 -20.89 13.58 -42.03
N VAL B 242 -20.06 13.54 -41.04
CA VAL B 242 -19.84 14.67 -40.13
C VAL B 242 -18.89 15.71 -40.74
N THR B 243 -19.24 16.99 -40.59
CA THR B 243 -18.46 18.14 -41.06
C THR B 243 -17.84 18.83 -39.84
N VAL B 244 -16.54 19.15 -39.92
CA VAL B 244 -15.81 19.85 -38.86
C VAL B 244 -15.31 21.20 -39.37
N LEU B 245 -15.62 22.27 -38.62
CA LEU B 245 -15.19 23.62 -38.96
C LEU B 245 -14.07 24.02 -38.02
N ALA B 246 -12.85 24.15 -38.55
CA ALA B 246 -11.69 24.54 -37.76
C ALA B 246 -10.70 25.33 -38.59
N GLY B 247 -10.18 26.41 -37.98
CA GLY B 247 -9.22 27.34 -38.55
C GLY B 247 -9.61 27.92 -39.89
N GLY B 248 -10.86 28.38 -39.99
CA GLY B 248 -11.43 28.96 -41.20
C GLY B 248 -11.51 28.04 -42.40
N GLN B 249 -11.59 26.71 -42.14
CA GLN B 249 -11.70 25.67 -43.17
C GLN B 249 -12.78 24.66 -42.79
N GLU B 250 -13.38 24.01 -43.80
CA GLU B 250 -14.38 22.98 -43.57
C GLU B 250 -13.80 21.65 -44.00
N HIS B 251 -13.79 20.69 -43.06
CA HIS B 251 -13.25 19.36 -43.25
C HIS B 251 -14.39 18.36 -43.16
N HIS B 252 -14.33 17.28 -43.96
CA HIS B 252 -15.36 16.25 -44.01
C HIS B 252 -14.84 14.96 -43.42
N PHE B 253 -15.60 14.31 -42.54
CA PHE B 253 -15.19 13.06 -41.91
C PHE B 253 -16.33 12.08 -41.82
N ASP B 254 -16.01 10.78 -41.85
CA ASP B 254 -16.97 9.70 -41.69
C ASP B 254 -17.48 9.66 -40.25
N GLN B 255 -16.56 9.77 -39.25
CA GLN B 255 -16.87 9.73 -37.82
C GLN B 255 -16.10 10.81 -37.06
N VAL B 256 -16.58 11.21 -35.87
CA VAL B 256 -15.89 12.18 -35.01
C VAL B 256 -15.81 11.66 -33.58
N VAL B 257 -14.62 11.79 -32.98
CA VAL B 257 -14.35 11.41 -31.60
C VAL B 257 -14.01 12.68 -30.80
N PHE B 258 -14.86 12.99 -29.81
CA PHE B 258 -14.69 14.11 -28.90
C PHE B 258 -13.84 13.64 -27.73
N ALA B 259 -12.70 14.29 -27.53
CA ALA B 259 -11.77 13.99 -26.46
C ALA B 259 -11.63 15.25 -25.61
N THR B 260 -12.66 16.09 -25.68
CA THR B 260 -12.74 17.38 -25.01
C THR B 260 -13.79 17.34 -23.89
N HIS B 261 -13.72 18.30 -22.93
CA HIS B 261 -14.66 18.43 -21.81
C HIS B 261 -16.06 18.56 -22.32
N ALA B 262 -17.01 17.99 -21.57
CA ALA B 262 -18.45 17.99 -21.85
C ALA B 262 -19.00 19.38 -22.19
N ASP B 263 -18.59 20.43 -21.43
CA ASP B 263 -19.03 21.80 -21.71
C ASP B 263 -18.50 22.26 -23.08
N VAL B 264 -17.22 21.96 -23.40
CA VAL B 264 -16.59 22.26 -24.69
C VAL B 264 -17.29 21.45 -25.80
N THR B 265 -17.46 20.11 -25.61
CA THR B 265 -18.15 19.19 -26.53
C THR B 265 -19.47 19.81 -26.94
N LEU B 266 -20.31 20.21 -25.96
CA LEU B 266 -21.63 20.82 -26.17
C LEU B 266 -21.59 22.15 -26.93
N ARG B 267 -20.59 23.02 -26.63
CA ARG B 267 -20.40 24.31 -27.31
C ARG B 267 -20.07 24.09 -28.79
N LEU B 268 -19.20 23.11 -29.09
CA LEU B 268 -18.76 22.76 -30.44
C LEU B 268 -19.86 22.04 -31.18
N LEU B 269 -20.51 21.11 -30.49
CA LEU B 269 -21.60 20.32 -31.02
C LEU B 269 -22.76 21.19 -31.40
N ARG B 270 -23.18 20.99 -32.66
CA ARG B 270 -24.25 21.70 -33.32
C ARG B 270 -25.20 20.69 -33.92
N THR B 271 -26.28 20.42 -33.18
CA THR B 271 -27.35 19.52 -33.55
C THR B 271 -28.63 20.09 -33.00
N SER B 272 -29.73 19.78 -33.67
CA SER B 272 -31.05 20.20 -33.21
C SER B 272 -31.67 19.03 -32.45
N ASP B 273 -30.90 18.52 -31.47
CA ASP B 273 -31.29 17.46 -30.56
C ASP B 273 -31.01 17.96 -29.16
N GLN B 274 -32.02 17.89 -28.29
CA GLN B 274 -31.90 18.41 -26.94
C GLN B 274 -31.59 17.31 -25.91
N GLN B 275 -31.31 16.07 -26.38
CA GLN B 275 -30.85 14.97 -25.55
C GLN B 275 -29.39 15.29 -25.19
N TYR B 276 -28.65 15.84 -26.19
CA TYR B 276 -27.27 16.29 -26.05
C TYR B 276 -27.14 17.37 -24.99
N ARG B 277 -28.09 18.35 -24.97
CA ARG B 277 -28.14 19.40 -23.96
C ARG B 277 -28.43 18.78 -22.57
N ASP B 278 -29.30 17.72 -22.48
CA ASP B 278 -29.60 17.01 -21.22
C ASP B 278 -28.36 16.31 -20.69
N LEU B 279 -27.66 15.59 -21.58
CA LEU B 279 -26.52 14.76 -21.23
C LEU B 279 -25.23 15.52 -20.96
N LEU B 280 -24.92 16.56 -21.76
CA LEU B 280 -23.68 17.32 -21.58
C LEU B 280 -23.82 18.61 -20.80
N GLY B 281 -25.08 18.99 -20.54
CA GLY B 281 -25.42 20.17 -19.78
C GLY B 281 -25.05 20.02 -18.33
N ASP B 282 -24.49 21.13 -17.88
CA ASP B 282 -24.01 21.51 -16.57
C ASP B 282 -23.30 20.40 -15.79
N PHE B 283 -22.22 19.93 -16.41
CA PHE B 283 -21.19 19.08 -15.85
C PHE B 283 -20.44 20.01 -14.91
N ALA B 284 -20.15 19.55 -13.68
CA ALA B 284 -19.50 20.40 -12.70
C ALA B 284 -17.99 20.39 -12.81
N TYR B 285 -17.39 21.58 -12.76
CA TYR B 285 -15.95 21.76 -12.84
C TYR B 285 -15.44 22.63 -11.70
N VAL B 286 -14.14 22.51 -11.44
CA VAL B 286 -13.41 23.22 -10.41
C VAL B 286 -12.26 23.93 -11.12
N PRO B 287 -12.10 25.25 -10.95
CA PRO B 287 -10.96 25.92 -11.60
C PRO B 287 -9.66 25.73 -10.80
N VAL B 288 -8.54 25.61 -11.52
CA VAL B 288 -7.22 25.46 -10.94
C VAL B 288 -6.28 26.44 -11.62
N GLU B 289 -5.50 27.15 -10.82
CA GLU B 289 -4.47 28.04 -11.30
C GLU B 289 -3.14 27.46 -10.80
N SER B 290 -2.31 26.95 -11.73
CA SER B 290 -1.01 26.37 -11.43
C SER B 290 0.06 27.43 -11.65
N VAL B 291 0.79 27.81 -10.58
CA VAL B 291 1.83 28.83 -10.63
C VAL B 291 3.22 28.22 -10.43
N LEU B 292 3.99 28.17 -11.53
CA LEU B 292 5.36 27.70 -11.50
C LEU B 292 6.20 28.93 -11.18
N HIS B 293 6.89 28.89 -10.04
CA HIS B 293 7.65 30.04 -9.56
C HIS B 293 8.89 29.63 -8.77
N GLN B 294 9.72 30.63 -8.43
CA GLN B 294 10.94 30.42 -7.66
C GLN B 294 10.93 31.19 -6.34
N ASP B 295 9.74 31.63 -5.89
CA ASP B 295 9.65 32.33 -4.61
C ASP B 295 9.73 31.37 -3.44
N GLU B 296 10.92 31.33 -2.81
CA GLU B 296 11.21 30.47 -1.66
C GLU B 296 10.39 30.76 -0.41
N SER B 297 9.79 31.96 -0.29
CA SER B 297 8.97 32.34 0.87
C SER B 297 7.78 31.41 1.09
N TRP B 298 7.32 30.74 0.01
CA TRP B 298 6.19 29.81 0.00
C TRP B 298 6.46 28.50 0.72
N LEU B 299 7.75 28.15 0.92
CA LEU B 299 8.12 26.93 1.62
C LEU B 299 7.85 27.11 3.08
N SER B 300 7.35 26.06 3.71
CA SER B 300 7.06 26.06 5.13
C SER B 300 8.37 25.96 5.90
N PRO B 301 8.59 26.85 6.89
CA PRO B 301 9.83 26.79 7.68
C PRO B 301 10.04 25.42 8.34
N ALA B 302 8.98 24.88 8.98
CA ALA B 302 8.96 23.57 9.61
C ALA B 302 8.72 22.45 8.58
N GLY B 303 8.17 22.85 7.43
CA GLY B 303 7.76 22.00 6.31
C GLY B 303 8.80 21.26 5.51
N GLY B 304 9.66 22.02 4.81
CA GLY B 304 10.76 21.55 3.95
C GLY B 304 11.17 20.11 4.13
N GLY B 305 11.16 19.39 3.02
CA GLY B 305 11.46 17.96 2.99
C GLY B 305 10.24 17.24 2.47
N ALA B 306 9.05 17.81 2.79
CA ALA B 306 7.77 17.33 2.32
C ALA B 306 7.61 17.87 0.91
N TYR B 307 7.08 17.03 0.05
CA TYR B 307 6.85 17.32 -1.33
C TYR B 307 5.65 18.27 -1.50
N CYS B 308 4.50 17.88 -0.92
CA CYS B 308 3.24 18.62 -0.96
C CYS B 308 3.11 19.45 0.31
N GLN B 309 3.14 20.77 0.17
CA GLN B 309 3.04 21.71 1.28
C GLN B 309 1.78 22.53 1.23
N PHE B 310 0.88 22.27 2.17
CA PHE B 310 -0.38 22.98 2.30
C PHE B 310 -0.24 24.08 3.35
N ARG B 311 -0.67 25.29 2.99
CA ARG B 311 -0.64 26.42 3.92
C ARG B 311 -1.99 27.11 4.00
N MET B 312 -2.43 27.41 5.22
CA MET B 312 -3.66 28.14 5.47
C MET B 312 -3.38 29.57 5.96
N PRO B 313 -3.96 30.58 5.26
CA PRO B 313 -3.77 31.99 5.68
C PRO B 313 -4.29 32.28 7.09
N GLU B 314 -3.82 33.40 7.67
CA GLU B 314 -4.00 33.92 9.04
C GLU B 314 -5.44 33.98 9.61
N GLY B 315 -6.39 34.58 8.89
CA GLY B 315 -7.77 34.68 9.37
C GLY B 315 -8.60 33.47 9.01
N PHE B 316 -8.20 32.25 9.49
CA PHE B 316 -8.88 31.00 9.15
C PHE B 316 -10.31 30.87 9.72
N GLU B 317 -10.47 30.94 11.07
CA GLU B 317 -11.75 30.78 11.80
C GLU B 317 -12.43 29.45 11.52
N LEU B 318 -12.34 28.51 12.49
CA LEU B 318 -12.95 27.17 12.38
C LEU B 318 -14.45 27.24 12.14
N ALA B 319 -15.17 28.12 12.87
CA ALA B 319 -16.59 28.36 12.61
C ALA B 319 -16.57 29.11 11.28
N ARG B 320 -17.40 28.69 10.31
CA ARG B 320 -17.39 29.25 8.95
C ARG B 320 -16.08 28.82 8.23
N ALA B 321 -15.70 27.53 8.39
CA ALA B 321 -14.52 26.90 7.78
C ALA B 321 -14.54 26.87 6.28
N GLU B 322 -15.73 26.80 5.71
CA GLU B 322 -15.95 26.78 4.28
C GLU B 322 -15.51 28.04 3.54
N GLU B 323 -15.69 29.24 4.14
CA GLU B 323 -15.34 30.49 3.45
C GLU B 323 -13.85 30.61 3.19
N GLN B 324 -12.99 30.26 4.18
CA GLN B 324 -11.56 30.31 3.99
C GLN B 324 -11.03 29.13 3.18
N MET B 325 -10.03 29.40 2.34
CA MET B 325 -9.42 28.40 1.47
C MET B 325 -7.92 28.35 1.64
N GLY B 326 -7.32 27.21 1.28
CA GLY B 326 -5.89 27.00 1.40
C GLY B 326 -5.14 26.96 0.10
N SER B 327 -3.83 27.01 0.20
CA SER B 327 -2.94 26.95 -0.92
C SER B 327 -1.98 25.77 -0.81
N LEU B 328 -1.84 25.04 -1.92
CA LEU B 328 -1.00 23.87 -1.99
C LEU B 328 0.22 24.11 -2.87
N THR B 329 1.40 23.82 -2.33
CA THR B 329 2.68 23.99 -3.00
C THR B 329 3.43 22.67 -3.16
N ARG B 330 3.94 22.42 -4.37
CA ARG B 330 4.80 21.28 -4.66
C ARG B 330 6.23 21.82 -4.57
N ASN B 331 7.07 21.18 -3.75
CA ASN B 331 8.47 21.54 -3.62
C ASN B 331 9.24 20.56 -4.50
N CYS B 332 9.42 20.92 -5.79
CA CYS B 332 10.09 20.08 -6.79
C CYS B 332 11.56 19.78 -6.45
N ASN B 333 12.24 20.61 -5.64
CA ASN B 333 13.65 20.40 -5.25
C ASN B 333 13.86 19.07 -4.54
N VAL B 334 12.82 18.64 -3.79
CA VAL B 334 12.74 17.37 -3.04
C VAL B 334 12.78 16.17 -4.00
N LEU B 335 12.33 16.34 -5.26
CA LEU B 335 12.38 15.28 -6.27
C LEU B 335 13.81 14.88 -6.49
N HIS B 336 14.05 13.56 -6.54
CA HIS B 336 15.40 13.02 -6.70
C HIS B 336 16.14 13.58 -7.94
N PRO B 337 15.59 13.58 -9.18
CA PRO B 337 16.33 14.15 -10.32
C PRO B 337 16.67 15.64 -10.23
N TYR B 338 16.01 16.37 -9.31
CA TYR B 338 16.18 17.82 -9.13
C TYR B 338 17.09 18.12 -7.93
N ARG B 339 17.68 17.09 -7.31
CA ARG B 339 18.53 17.20 -6.11
C ARG B 339 19.76 18.08 -6.25
N LYS B 340 20.37 18.11 -7.45
CA LYS B 340 21.58 18.90 -7.70
C LYS B 340 21.31 20.35 -8.14
N VAL B 341 20.03 20.69 -8.46
CA VAL B 341 19.57 22.02 -8.88
C VAL B 341 19.71 23.02 -7.70
N SER B 342 20.42 24.12 -7.94
CA SER B 342 20.66 25.15 -6.91
C SER B 342 19.47 26.07 -6.75
N SER B 343 18.77 26.39 -7.85
CA SER B 343 17.62 27.29 -7.83
C SER B 343 16.32 26.62 -7.39
N PRO B 344 15.47 27.33 -6.60
CA PRO B 344 14.19 26.73 -6.18
C PRO B 344 13.24 26.48 -7.35
N ILE B 345 12.46 25.39 -7.29
CA ILE B 345 11.47 25.03 -8.31
C ILE B 345 10.19 24.70 -7.55
N LEU B 346 9.29 25.68 -7.49
CA LEU B 346 8.05 25.53 -6.74
C LEU B 346 6.82 25.71 -7.60
N ILE B 347 5.75 24.99 -7.23
CA ILE B 347 4.46 25.08 -7.91
C ILE B 347 3.41 25.38 -6.87
N THR B 348 2.78 26.55 -6.95
CA THR B 348 1.68 26.83 -6.04
C THR B 348 0.40 26.82 -6.83
N PHE B 349 -0.56 26.01 -6.37
CA PHE B 349 -1.86 25.90 -6.97
C PHE B 349 -2.77 26.79 -6.18
N ASP B 350 -3.56 27.61 -6.89
CA ASP B 350 -4.54 28.54 -6.33
C ASP B 350 -3.96 29.30 -5.13
N PRO B 351 -2.82 30.05 -5.29
CA PRO B 351 -2.25 30.76 -4.15
C PRO B 351 -3.21 31.82 -3.63
N GLN B 352 -3.59 31.69 -2.34
CA GLN B 352 -4.51 32.61 -1.67
C GLN B 352 -3.85 33.96 -1.53
N GLU B 353 -2.57 33.92 -1.16
CA GLU B 353 -1.74 35.10 -1.00
C GLU B 353 -0.99 35.32 -2.29
N ASP B 354 -0.68 36.59 -2.56
CA ASP B 354 0.04 36.97 -3.77
C ASP B 354 1.43 36.35 -3.83
N VAL B 355 1.77 35.79 -4.99
CA VAL B 355 3.07 35.22 -5.28
C VAL B 355 3.81 36.32 -5.99
N ASP B 356 5.03 36.63 -5.53
CA ASP B 356 5.93 37.61 -6.13
C ASP B 356 5.98 37.42 -7.68
N PRO B 357 5.65 38.50 -8.45
CA PRO B 357 5.61 38.39 -9.92
C PRO B 357 6.97 38.29 -10.59
N GLU B 358 8.02 38.89 -9.98
CA GLU B 358 9.41 38.84 -10.46
C GLU B 358 9.96 37.40 -10.38
N ARG B 359 9.35 36.55 -9.53
CA ARG B 359 9.77 35.15 -9.33
C ARG B 359 8.93 34.14 -10.12
N VAL B 360 7.83 34.59 -10.77
CA VAL B 360 6.96 33.71 -11.56
C VAL B 360 7.64 33.30 -12.87
N ILE B 361 7.56 31.99 -13.21
CA ILE B 361 8.10 31.45 -14.46
C ILE B 361 6.97 31.42 -15.50
N VAL B 362 5.78 30.93 -15.10
CA VAL B 362 4.59 30.79 -15.93
C VAL B 362 3.38 30.44 -15.05
N ARG B 363 2.19 30.74 -15.56
CA ARG B 363 0.91 30.42 -14.94
C ARG B 363 0.16 29.59 -15.95
N ARG B 364 -0.74 28.74 -15.47
CA ARG B 364 -1.60 27.91 -16.30
C ARG B 364 -2.94 27.83 -15.62
N GLU B 365 -4.00 27.83 -16.42
CA GLU B 365 -5.36 27.81 -15.89
C GLU B 365 -6.13 26.68 -16.51
N TRP B 366 -6.60 25.78 -15.65
CA TRP B 366 -7.34 24.60 -16.06
C TRP B 366 -8.56 24.44 -15.21
N LYS B 367 -9.43 23.51 -15.63
CA LYS B 367 -10.61 23.16 -14.85
C LYS B 367 -10.71 21.67 -14.72
N LEU B 368 -10.87 21.22 -13.47
CA LEU B 368 -10.97 19.83 -13.09
C LEU B 368 -12.41 19.41 -12.89
N PRO B 369 -12.79 18.20 -13.31
CA PRO B 369 -14.17 17.75 -13.08
C PRO B 369 -14.43 17.46 -11.61
N GLN B 370 -15.67 17.66 -11.17
CA GLN B 370 -16.08 17.36 -9.80
C GLN B 370 -16.34 15.86 -9.72
N LEU B 371 -16.16 15.28 -8.53
CA LEU B 371 -16.30 13.85 -8.32
C LEU B 371 -17.37 13.48 -7.32
N ARG B 372 -18.49 14.20 -7.32
CA ARG B 372 -19.58 13.86 -6.40
C ARG B 372 -20.30 12.63 -6.99
N PRO B 373 -21.03 11.83 -6.17
CA PRO B 373 -21.74 10.66 -6.74
C PRO B 373 -22.66 11.00 -7.92
N VAL B 374 -23.22 12.23 -7.94
CA VAL B 374 -24.08 12.75 -9.01
C VAL B 374 -23.28 12.92 -10.32
N ASP B 375 -22.05 13.48 -10.23
CA ASP B 375 -21.14 13.69 -11.35
C ASP B 375 -20.77 12.36 -11.96
N VAL B 376 -20.46 11.35 -11.10
CA VAL B 376 -20.13 9.98 -11.52
C VAL B 376 -21.30 9.41 -12.31
N ARG B 377 -22.54 9.54 -11.78
CA ARG B 377 -23.77 9.08 -12.45
C ARG B 377 -23.96 9.75 -13.81
N ARG B 378 -23.64 11.06 -13.89
CA ARG B 378 -23.71 11.87 -15.11
C ARG B 378 -22.77 11.30 -16.19
N LYS B 379 -21.56 10.94 -15.77
CA LYS B 379 -20.54 10.39 -16.66
C LYS B 379 -20.93 9.07 -17.26
N LYS B 380 -21.54 8.20 -16.47
CA LYS B 380 -21.97 6.90 -16.93
C LYS B 380 -23.04 6.96 -18.00
N ARG B 381 -23.90 7.96 -17.89
CA ARG B 381 -25.05 8.16 -18.77
C ARG B 381 -24.81 8.48 -20.21
N LEU B 382 -23.58 8.80 -20.60
CA LEU B 382 -23.19 9.12 -21.95
C LEU B 382 -23.30 8.00 -22.98
N HIS B 383 -23.43 6.75 -22.56
CA HIS B 383 -23.55 5.65 -23.48
C HIS B 383 -24.76 5.83 -24.34
N GLU B 384 -25.73 6.58 -23.87
CA GLU B 384 -26.94 6.81 -24.66
C GLU B 384 -26.58 7.42 -26.02
N ILE B 385 -25.76 8.51 -26.04
CA ILE B 385 -25.33 9.22 -27.26
C ILE B 385 -24.08 8.63 -27.95
N GLN B 386 -23.49 7.58 -27.38
CA GLN B 386 -22.29 6.94 -27.91
C GLN B 386 -22.57 6.18 -29.22
N GLY B 387 -22.04 6.69 -30.34
CA GLY B 387 -22.18 6.07 -31.66
C GLY B 387 -23.26 6.61 -32.58
N LEU B 388 -24.07 7.56 -32.08
CA LEU B 388 -25.15 8.18 -32.85
C LEU B 388 -24.62 9.34 -33.65
N ASN B 389 -25.16 9.54 -34.87
CA ASN B 389 -24.77 10.60 -35.82
C ASN B 389 -23.26 10.54 -36.11
N GLY B 390 -22.71 9.33 -36.03
CA GLY B 390 -21.29 9.04 -36.21
C GLY B 390 -20.41 9.75 -35.19
N LEU B 391 -20.94 10.00 -33.98
CA LEU B 391 -20.22 10.68 -32.91
C LEU B 391 -19.78 9.74 -31.81
N TRP B 392 -18.61 10.04 -31.23
CA TRP B 392 -17.98 9.27 -30.15
C TRP B 392 -17.37 10.24 -29.17
N PHE B 393 -17.34 9.84 -27.89
CA PHE B 393 -16.89 10.67 -26.78
C PHE B 393 -16.02 9.87 -25.85
N CYS B 394 -14.85 10.41 -25.58
CA CYS B 394 -13.85 9.87 -24.68
C CYS B 394 -13.29 11.04 -23.88
N GLY B 395 -12.50 10.73 -22.87
CA GLY B 395 -11.89 11.74 -22.05
C GLY B 395 -12.28 11.65 -20.59
N THR B 396 -11.76 12.58 -19.81
CA THR B 396 -11.98 12.68 -18.37
C THR B 396 -13.49 12.65 -18.00
N ASP B 397 -14.34 13.45 -18.67
CA ASP B 397 -15.78 13.50 -18.40
C ASP B 397 -16.57 12.26 -18.79
N THR B 398 -15.94 11.28 -19.47
CA THR B 398 -16.64 10.06 -19.90
C THR B 398 -16.13 8.84 -19.13
N SER B 399 -15.11 9.04 -18.28
CA SER B 399 -14.43 7.95 -17.59
C SER B 399 -14.14 8.19 -16.11
N VAL B 400 -13.54 7.16 -15.46
CA VAL B 400 -13.07 7.16 -14.08
C VAL B 400 -11.98 8.23 -13.98
N THR B 401 -11.80 8.76 -12.78
CA THR B 401 -10.81 9.77 -12.46
C THR B 401 -9.36 9.30 -12.74
N GLY B 402 -8.48 10.28 -12.94
CA GLY B 402 -7.07 10.04 -13.22
C GLY B 402 -6.76 9.78 -14.68
N HIS B 403 -5.49 10.06 -15.04
CA HIS B 403 -4.90 9.89 -16.37
C HIS B 403 -5.13 8.53 -16.98
N GLU B 404 -4.98 7.45 -16.17
CA GLU B 404 -5.23 6.08 -16.63
C GLU B 404 -6.66 6.00 -17.20
N GLY B 405 -7.64 6.55 -16.49
CA GLY B 405 -9.04 6.61 -16.92
C GLY B 405 -9.26 7.39 -18.20
N ALA B 406 -8.57 8.55 -18.32
CA ALA B 406 -8.63 9.42 -19.51
C ALA B 406 -8.12 8.71 -20.77
N ILE B 407 -6.88 8.18 -20.74
CA ILE B 407 -6.28 7.50 -21.90
C ILE B 407 -6.97 6.17 -22.24
N VAL B 408 -7.42 5.41 -21.22
CA VAL B 408 -8.09 4.12 -21.43
C VAL B 408 -9.48 4.35 -22.06
N SER B 409 -10.12 5.53 -21.81
CA SER B 409 -11.39 5.87 -22.47
C SER B 409 -11.14 6.05 -23.97
N GLY B 410 -10.00 6.65 -24.31
CA GLY B 410 -9.49 6.82 -25.67
C GLY B 410 -9.29 5.47 -26.33
N MET B 411 -8.66 4.53 -25.58
CA MET B 411 -8.40 3.15 -26.00
C MET B 411 -9.73 2.43 -26.29
N VAL B 412 -10.71 2.53 -25.35
CA VAL B 412 -12.05 1.93 -25.43
C VAL B 412 -12.74 2.28 -26.77
N ILE B 413 -12.71 3.57 -27.16
CA ILE B 413 -13.29 4.04 -28.42
C ILE B 413 -12.56 3.44 -29.62
N ALA B 414 -11.22 3.42 -29.58
CA ALA B 414 -10.38 2.84 -30.63
C ALA B 414 -10.75 1.36 -30.85
N ASP B 415 -11.06 0.61 -29.75
CA ASP B 415 -11.50 -0.79 -29.83
C ASP B 415 -12.87 -0.88 -30.48
N ARG B 416 -13.76 0.09 -30.20
CA ARG B 416 -15.09 0.17 -30.80
C ARG B 416 -14.98 0.44 -32.31
N LEU B 417 -13.90 1.10 -32.75
CA LEU B 417 -13.67 1.41 -34.15
C LEU B 417 -12.64 0.47 -34.82
N GLY B 418 -12.52 -0.74 -34.30
CA GLY B 418 -11.66 -1.78 -34.87
C GLY B 418 -10.31 -2.05 -34.25
N VAL B 419 -9.57 -1.00 -33.81
CA VAL B 419 -8.23 -1.13 -33.22
C VAL B 419 -8.36 -1.71 -31.79
N PRO B 420 -8.09 -3.00 -31.55
CA PRO B 420 -8.28 -3.54 -30.20
C PRO B 420 -7.29 -3.04 -29.17
N HIS B 421 -7.60 -3.30 -27.89
CA HIS B 421 -6.78 -2.95 -26.75
C HIS B 421 -5.33 -3.40 -27.04
N PRO B 422 -4.39 -2.42 -27.13
CA PRO B 422 -3.01 -2.75 -27.55
C PRO B 422 -2.15 -3.59 -26.63
N PHE B 423 -2.59 -3.81 -25.36
CA PHE B 423 -1.81 -4.57 -24.40
C PHE B 423 -2.61 -5.75 -23.81
N PRO B 424 -3.07 -6.73 -24.64
CA PRO B 424 -3.83 -7.86 -24.08
C PRO B 424 -3.03 -8.76 -23.13
N ASP B 425 -1.70 -8.74 -23.27
CA ASP B 425 -0.75 -9.53 -22.47
C ASP B 425 -0.66 -9.05 -21.03
N ASP B 426 -0.61 -7.73 -20.82
CA ASP B 426 -0.57 -7.10 -19.50
C ASP B 426 -1.96 -7.29 -18.86
N ALA B 427 -2.12 -8.39 -18.07
CA ALA B 427 -3.37 -8.73 -17.36
C ALA B 427 -4.00 -7.53 -16.61
N PRO B 428 -3.24 -6.68 -15.85
CA PRO B 428 -3.87 -5.51 -15.19
C PRO B 428 -4.34 -4.45 -16.19
N ALA B 429 -3.58 -4.24 -17.31
CA ALA B 429 -3.94 -3.26 -18.33
C ALA B 429 -5.22 -3.69 -19.04
N ALA B 430 -5.37 -5.02 -19.29
CA ALA B 430 -6.57 -5.60 -19.89
C ALA B 430 -7.73 -5.48 -18.89
N ALA B 431 -7.43 -5.67 -17.57
CA ALA B 431 -8.41 -5.54 -16.48
C ALA B 431 -8.98 -4.12 -16.44
N GLN B 432 -8.08 -3.10 -16.54
CA GLN B 432 -8.44 -1.68 -16.58
C GLN B 432 -9.36 -1.44 -17.76
N PHE B 433 -8.86 -1.82 -18.96
CA PHE B 433 -9.57 -1.70 -20.23
C PHE B 433 -11.00 -2.20 -20.12
N ARG B 434 -11.18 -3.44 -19.61
CA ARG B 434 -12.46 -4.11 -19.39
C ARG B 434 -13.34 -3.34 -18.41
N GLY B 435 -12.75 -2.84 -17.32
CA GLY B 435 -13.42 -2.04 -16.29
C GLY B 435 -13.96 -0.73 -16.85
N ILE B 436 -13.09 0.04 -17.55
CA ILE B 436 -13.42 1.32 -18.19
C ILE B 436 -14.46 1.11 -19.28
N LYS B 437 -14.34 0.01 -20.05
CA LYS B 437 -15.29 -0.36 -21.10
C LYS B 437 -16.68 -0.57 -20.49
N GLU B 438 -16.77 -1.26 -19.33
CA GLU B 438 -18.03 -1.47 -18.63
C GLU B 438 -18.59 -0.14 -18.10
N PHE B 439 -17.71 0.70 -17.52
CA PHE B 439 -18.08 2.01 -16.98
C PHE B 439 -18.66 2.92 -18.10
N MET B 440 -17.98 2.96 -19.26
CA MET B 440 -18.40 3.77 -20.42
C MET B 440 -19.56 3.04 -21.07
N GLY B 441 -20.48 3.65 -21.77
CA GLY B 441 -21.58 2.85 -22.32
C GLY B 441 -21.24 1.72 -23.26
N VAL B 442 -20.10 1.85 -23.98
CA VAL B 442 -19.57 0.93 -25.00
C VAL B 442 -19.48 -0.52 -24.50
#